data_4K9E
#
_entry.id   4K9E
#
_cell.length_a   94.577
_cell.length_b   94.577
_cell.length_c   320.876
_cell.angle_alpha   90.00
_cell.angle_beta   90.00
_cell.angle_gamma   120.00
#
_symmetry.space_group_name_H-M   'P 65 2 2'
#
loop_
_entity.id
_entity.type
_entity.pdbx_description
1 polymer 'light chain'
2 polymer 'heavy chain'
3 polymer 'Mast/stem cell growth factor receptor Kit'
4 non-polymer 2-acetamido-2-deoxy-beta-D-glucopyranose
5 water water
#
loop_
_entity_poly.entity_id
_entity_poly.type
_entity_poly.pdbx_seq_one_letter_code
_entity_poly.pdbx_strand_id
1 'polypeptide(L)'
;DIQMTQSPSSLSASVGDRVTITCRASQRGLRNVAVAWYQQKPGKAPKLLIYSASSLYSGVPSRFSGSRSGTDFTLTISSL
QPEDFATYYCQQWAVHSLITFGQGTKVEIKRTVAAPSVFIFPPSDSQLKSGTASVVCLLNNFYPREAKVQWKVDNALQSG
NSQESVTEQDSKDSTYSLSSTLTLSKADYEKHKVYACEVTHQGLSSPVTKSFNRGECGGSDYKDDDDK
;
L
2 'polypeptide(L)'
;SEVQLVESGGGLVQPGGSLRLSCAASGFNISVYMMHWVRQAPGKGLEWVASIYPYSGYTYYADSVKGRFTISADTSKNTA
YLQMNSLRAEDTAVYYCARYVYHALDYWGQGTLVTVSSASTKGPSVFPLAPSSKSTSGGTAALGCLVKDYFPEPVTVSWN
SGALTSGVHTFPAVLQSSGLYSLSSVVTVPSSSLGTQTYICNVNHKPSNTKVDKKVEPKSC
;
H
3 'polypeptide(L)'
;GAMVDKGFINIFPMINTTVFVNDGENVDLIVEYEAFPKPEHQQWIYMNRTFTDKWEDYPKSENESNIRYVSELHLTRLKG
TEGGTYTFLVSNSDVNAAIAFNVYVNTKPEILTYDRLVNGMLQCVAAGFPEPTIDWYFCPGTEQRCSASVLPVDVQTLNS
SGPPFGKLVVQSSIDSSAFKHNGTVECKAYNDVGKTSAYFNFAFKGNNKEQIHP
;
C
#
loop_
_chem_comp.id
_chem_comp.type
_chem_comp.name
_chem_comp.formula
NAG D-saccharide, beta linking 2-acetamido-2-deoxy-beta-D-glucopyranose 'C8 H15 N O6'
#
# COMPACT_ATOMS: atom_id res chain seq x y z
N ILE A 2 -23.83 5.97 0.56
CA ILE A 2 -24.24 4.65 0.10
C ILE A 2 -25.00 4.75 -1.23
N GLN A 3 -24.30 4.56 -2.34
CA GLN A 3 -22.87 4.28 -2.33
C GLN A 3 -22.11 5.23 -3.26
N MET A 4 -21.39 4.64 -4.20
CA MET A 4 -20.53 5.37 -5.10
C MET A 4 -20.19 4.50 -6.30
N THR A 5 -20.47 5.00 -7.50
CA THR A 5 -20.28 4.20 -8.71
C THR A 5 -19.09 4.69 -9.53
N GLN A 6 -18.08 3.84 -9.64
CA GLN A 6 -16.91 4.18 -10.43
C GLN A 6 -16.94 3.42 -11.75
N SER A 7 -16.95 4.16 -12.86
CA SER A 7 -16.98 3.58 -14.19
C SER A 7 -15.86 4.20 -15.03
N PRO A 8 -15.29 3.41 -15.97
CA PRO A 8 -15.64 2.01 -16.26
C PRO A 8 -14.72 0.99 -15.54
N SER A 9 -15.03 -0.29 -15.64
CA SER A 9 -14.28 -1.32 -14.92
C SER A 9 -12.85 -1.56 -15.40
N SER A 10 -12.66 -1.69 -16.71
CA SER A 10 -11.34 -1.96 -17.26
C SER A 10 -11.09 -1.33 -18.66
N LEU A 11 -9.89 -0.76 -18.83
CA LEU A 11 -9.55 0.07 -20.00
C LEU A 11 -8.23 -0.37 -20.62
N SER A 12 -7.94 0.16 -21.82
CA SER A 12 -6.67 -0.11 -22.48
C SER A 12 -6.15 1.13 -23.21
N ALA A 13 -4.90 1.48 -22.97
CA ALA A 13 -4.30 2.64 -23.62
C ALA A 13 -2.81 2.44 -23.87
N SER A 14 -2.15 3.47 -24.40
CA SER A 14 -0.74 3.39 -24.76
C SER A 14 -0.01 4.69 -24.44
N VAL A 15 1.32 4.63 -24.36
CA VAL A 15 2.13 5.83 -24.08
C VAL A 15 1.76 6.99 -25.00
N GLY A 16 1.49 8.16 -24.41
CA GLY A 16 1.10 9.33 -25.19
C GLY A 16 -0.41 9.48 -25.34
N ASP A 17 -1.14 8.47 -24.89
CA ASP A 17 -2.59 8.47 -24.98
C ASP A 17 -3.22 9.26 -23.83
N ARG A 18 -4.54 9.36 -23.85
CA ARG A 18 -5.29 10.08 -22.81
C ARG A 18 -6.35 9.17 -22.21
N VAL A 19 -6.36 9.07 -20.88
CA VAL A 19 -7.36 8.24 -20.21
C VAL A 19 -8.29 9.07 -19.33
N THR A 20 -9.59 8.90 -19.54
CA THR A 20 -10.60 9.56 -18.72
C THR A 20 -11.32 8.50 -17.87
N ILE A 21 -11.64 8.83 -16.63
CA ILE A 21 -12.26 7.86 -15.72
C ILE A 21 -13.16 8.58 -14.70
N THR A 22 -14.35 8.02 -14.46
CA THR A 22 -15.36 8.78 -13.72
C THR A 22 -15.92 8.12 -12.45
N CYS A 23 -16.27 8.96 -11.49
CA CYS A 23 -16.86 8.52 -10.24
C CYS A 23 -18.14 9.31 -9.96
N ARG A 24 -19.16 8.64 -9.43
CA ARG A 24 -20.44 9.29 -9.16
C ARG A 24 -20.97 9.00 -7.77
N ALA A 25 -21.21 10.05 -7.00
CA ALA A 25 -21.76 9.94 -5.66
C ALA A 25 -23.29 9.88 -5.74
N SER A 26 -23.90 9.09 -4.87
CA SER A 26 -25.34 8.85 -4.93
C SER A 26 -26.01 8.96 -3.57
N GLN A 27 -26.65 10.09 -3.28
CA GLN A 27 -26.67 11.23 -4.20
C GLN A 27 -26.68 12.54 -3.40
N ARG A 28 -27.88 13.02 -3.10
CA ARG A 28 -28.04 14.29 -2.39
C ARG A 28 -28.27 14.07 -0.90
N GLY A 29 -28.35 15.16 -0.15
CA GLY A 29 -28.51 15.08 1.30
C GLY A 29 -27.17 15.07 2.00
N LEU A 30 -26.11 14.81 1.24
CA LEU A 30 -24.76 14.78 1.77
C LEU A 30 -24.19 16.19 1.92
N ARG A 31 -23.29 16.37 2.88
CA ARG A 31 -22.69 17.67 3.14
C ARG A 31 -21.18 17.65 2.92
N ASN A 32 -20.66 18.74 2.35
CA ASN A 32 -19.23 18.98 2.27
C ASN A 32 -18.46 17.85 1.60
N VAL A 33 -19.01 17.32 0.50
CA VAL A 33 -18.41 16.17 -0.18
C VAL A 33 -17.08 16.49 -0.83
N ALA A 34 -16.06 15.71 -0.48
CA ALA A 34 -14.74 15.81 -1.11
C ALA A 34 -14.36 14.47 -1.70
N VAL A 35 -13.65 14.49 -2.83
CA VAL A 35 -13.30 13.26 -3.52
C VAL A 35 -11.80 13.15 -3.79
N ALA A 36 -11.23 11.99 -3.50
CA ALA A 36 -9.81 11.74 -3.74
C ALA A 36 -9.60 10.59 -4.73
N TRP A 37 -8.46 10.61 -5.42
CA TRP A 37 -8.09 9.56 -6.35
C TRP A 37 -6.75 8.94 -5.97
N TYR A 38 -6.73 7.61 -5.93
CA TYR A 38 -5.54 6.84 -5.57
C TYR A 38 -5.09 5.92 -6.70
N GLN A 39 -3.80 5.63 -6.72
CA GLN A 39 -3.23 4.68 -7.66
C GLN A 39 -2.68 3.46 -6.91
N GLN A 40 -2.89 2.27 -7.47
CA GLN A 40 -2.45 1.04 -6.82
C GLN A 40 -1.86 0.03 -7.82
N LYS A 41 -0.63 -0.37 -7.56
CA LYS A 41 0.05 -1.37 -8.36
C LYS A 41 0.05 -2.70 -7.62
N PRO A 42 0.00 -3.82 -8.37
CA PRO A 42 -0.10 -5.17 -7.81
C PRO A 42 0.92 -5.47 -6.71
N GLY A 43 0.42 -5.84 -5.54
CA GLY A 43 1.26 -6.22 -4.42
C GLY A 43 1.75 -5.06 -3.57
N LYS A 44 1.35 -3.85 -3.94
CA LYS A 44 1.78 -2.65 -3.21
C LYS A 44 0.60 -1.90 -2.59
N ALA A 45 0.90 -0.96 -1.70
CA ALA A 45 -0.13 -0.14 -1.06
C ALA A 45 -0.54 1.03 -1.96
N PRO A 46 -1.81 1.48 -1.85
CA PRO A 46 -2.25 2.56 -2.74
C PRO A 46 -1.53 3.87 -2.45
N LYS A 47 -1.34 4.68 -3.48
CA LYS A 47 -0.72 5.99 -3.32
C LYS A 47 -1.72 7.09 -3.65
N LEU A 48 -1.73 8.14 -2.83
CA LEU A 48 -2.63 9.26 -3.06
C LEU A 48 -2.20 10.08 -4.26
N LEU A 49 -3.08 10.17 -5.26
CA LEU A 49 -2.81 10.99 -6.44
C LEU A 49 -3.42 12.38 -6.27
N ILE A 50 -4.73 12.42 -6.06
CA ILE A 50 -5.44 13.69 -6.01
C ILE A 50 -6.33 13.79 -4.78
N TYR A 51 -6.41 14.97 -4.16
CA TYR A 51 -7.34 15.18 -3.06
C TYR A 51 -8.15 16.45 -3.29
N SER A 52 -9.32 16.53 -2.65
CA SER A 52 -10.23 17.66 -2.82
C SER A 52 -10.56 17.90 -4.29
N ALA A 53 -11.03 16.86 -4.95
CA ALA A 53 -11.46 16.91 -6.36
C ALA A 53 -10.34 17.17 -7.37
N SER A 54 -9.62 18.27 -7.21
CA SER A 54 -8.67 18.69 -8.24
C SER A 54 -7.24 18.96 -7.76
N SER A 55 -7.06 19.08 -6.44
CA SER A 55 -5.73 19.39 -5.90
C SER A 55 -4.75 18.23 -6.07
N LEU A 56 -3.60 18.52 -6.68
CA LEU A 56 -2.58 17.50 -6.91
C LEU A 56 -1.69 17.36 -5.69
N TYR A 57 -1.33 16.12 -5.36
CA TYR A 57 -0.49 15.85 -4.20
C TYR A 57 0.99 15.92 -4.56
N SER A 58 1.82 16.34 -3.61
CA SER A 58 3.24 16.53 -3.86
C SER A 58 3.91 15.22 -4.28
N GLY A 59 4.52 15.22 -5.46
CA GLY A 59 5.21 14.04 -5.96
C GLY A 59 4.68 13.53 -7.29
N VAL A 60 3.38 13.30 -7.37
CA VAL A 60 2.76 12.84 -8.61
C VAL A 60 2.83 13.89 -9.72
N PRO A 61 3.27 13.48 -10.91
CA PRO A 61 3.43 14.34 -12.08
C PRO A 61 2.16 15.11 -12.45
N SER A 62 2.33 16.28 -13.05
CA SER A 62 1.22 17.17 -13.36
C SER A 62 0.37 16.71 -14.55
N ARG A 63 0.62 15.49 -15.03
CA ARG A 63 -0.20 14.90 -16.07
C ARG A 63 -1.37 14.16 -15.43
N PHE A 64 -1.51 14.32 -14.12
CA PHE A 64 -2.67 13.79 -13.41
C PHE A 64 -3.65 14.92 -13.12
N SER A 65 -4.88 14.81 -13.61
CA SER A 65 -5.86 15.88 -13.46
C SER A 65 -7.16 15.40 -12.85
N GLY A 66 -7.76 16.23 -12.00
CA GLY A 66 -9.04 15.92 -11.40
C GLY A 66 -10.01 17.06 -11.61
N SER A 67 -11.30 16.74 -11.70
CA SER A 67 -12.33 17.74 -11.92
C SER A 67 -13.67 17.22 -11.43
N ARG A 68 -14.66 18.10 -11.38
CA ARG A 68 -15.99 17.71 -10.94
C ARG A 68 -17.08 18.58 -11.58
N SER A 69 -18.25 17.98 -11.77
CA SER A 69 -19.39 18.71 -12.29
C SER A 69 -20.59 18.46 -11.37
N GLY A 70 -21.78 18.83 -11.84
CA GLY A 70 -22.98 18.59 -11.07
C GLY A 70 -23.38 17.12 -11.06
N THR A 71 -22.64 16.30 -11.81
CA THR A 71 -22.96 14.90 -11.98
C THR A 71 -21.75 14.00 -11.80
N ASP A 72 -20.59 14.47 -12.24
CA ASP A 72 -19.40 13.61 -12.35
C ASP A 72 -18.21 14.04 -11.49
N PHE A 73 -17.46 13.06 -11.02
CA PHE A 73 -16.12 13.29 -10.52
C PHE A 73 -15.17 12.60 -11.50
N THR A 74 -14.24 13.35 -12.07
CA THR A 74 -13.44 12.84 -13.17
C THR A 74 -11.94 12.94 -12.96
N LEU A 75 -11.24 11.84 -13.22
CA LEU A 75 -9.79 11.79 -13.23
C LEU A 75 -9.30 11.55 -14.66
N THR A 76 -8.42 12.41 -15.15
CA THR A 76 -7.92 12.29 -16.51
C THR A 76 -6.39 12.36 -16.56
N ILE A 77 -5.79 11.48 -17.35
CA ILE A 77 -4.35 11.50 -17.56
C ILE A 77 -4.02 11.79 -19.03
N SER A 78 -3.16 12.77 -19.24
CA SER A 78 -2.72 13.14 -20.57
C SER A 78 -1.27 12.69 -20.77
N SER A 79 -1.00 12.10 -21.93
CA SER A 79 0.31 11.56 -22.27
C SER A 79 0.79 10.54 -21.24
N LEU A 80 0.42 9.29 -21.46
CA LEU A 80 0.73 8.21 -20.53
C LEU A 80 2.24 7.99 -20.39
N GLN A 81 2.62 7.24 -19.37
CA GLN A 81 3.99 6.79 -19.17
C GLN A 81 3.90 5.34 -18.71
N PRO A 82 5.01 4.59 -18.82
CA PRO A 82 5.00 3.19 -18.36
C PRO A 82 4.56 3.05 -16.90
N GLU A 83 4.95 3.99 -16.04
CA GLU A 83 4.59 3.93 -14.63
C GLU A 83 3.19 4.47 -14.35
N ASP A 84 2.39 4.63 -15.41
CA ASP A 84 1.03 5.13 -15.27
C ASP A 84 0.00 4.02 -15.47
N PHE A 85 0.46 2.77 -15.42
CA PHE A 85 -0.42 1.63 -15.63
C PHE A 85 -0.62 0.86 -14.33
N ALA A 86 -1.86 0.89 -13.83
CA ALA A 86 -2.20 0.26 -12.55
C ALA A 86 -3.71 0.20 -12.39
N THR A 87 -4.16 0.17 -11.13
CA THR A 87 -5.59 0.28 -10.83
C THR A 87 -5.84 1.61 -10.14
N TYR A 88 -6.94 2.27 -10.47
CA TYR A 88 -7.21 3.58 -9.90
C TYR A 88 -8.51 3.61 -9.10
N TYR A 89 -8.41 4.02 -7.84
CA TYR A 89 -9.58 4.07 -6.96
C TYR A 89 -10.04 5.49 -6.70
N CYS A 90 -11.32 5.66 -6.44
CA CYS A 90 -11.84 6.93 -5.99
C CYS A 90 -12.48 6.78 -4.62
N GLN A 91 -12.19 7.71 -3.74
CA GLN A 91 -12.84 7.72 -2.43
C GLN A 91 -13.59 9.03 -2.26
N GLN A 92 -14.62 9.00 -1.43
CA GLN A 92 -15.33 10.22 -1.09
C GLN A 92 -15.42 10.36 0.43
N TRP A 93 -15.42 11.61 0.89
CA TRP A 93 -15.64 11.92 2.28
C TRP A 93 -16.85 12.84 2.39
N ALA A 94 -17.73 12.56 3.33
CA ALA A 94 -18.88 13.41 3.60
C ALA A 94 -19.14 13.50 5.09
N VAL A 95 -19.71 14.61 5.53
CA VAL A 95 -20.04 14.82 6.95
C VAL A 95 -20.86 13.66 7.47
N HIS A 96 -21.84 13.24 6.66
CA HIS A 96 -22.59 12.02 6.93
C HIS A 96 -21.98 10.88 6.15
N SER A 97 -21.83 9.72 6.81
CA SER A 97 -21.24 8.50 6.24
C SER A 97 -19.71 8.49 6.23
N LEU A 98 -19.09 9.68 6.22
CA LEU A 98 -17.62 9.79 6.17
C LEU A 98 -17.02 9.18 4.90
N ILE A 99 -16.29 8.07 5.04
CA ILE A 99 -15.48 7.54 3.95
C ILE A 99 -16.16 6.43 3.13
N THR A 100 -16.18 6.61 1.81
CA THR A 100 -16.67 5.58 0.90
C THR A 100 -15.66 5.40 -0.23
N PHE A 101 -15.66 4.24 -0.87
CA PHE A 101 -14.69 3.95 -1.94
C PHE A 101 -15.34 3.53 -3.25
N GLY A 102 -14.70 3.87 -4.37
CA GLY A 102 -15.10 3.37 -5.67
C GLY A 102 -14.61 1.94 -5.82
N GLN A 103 -15.02 1.28 -6.89
CA GLN A 103 -14.68 -0.13 -7.07
C GLN A 103 -13.31 -0.35 -7.72
N GLY A 104 -12.68 0.74 -8.13
CA GLY A 104 -11.37 0.66 -8.74
C GLY A 104 -11.41 0.19 -10.18
N THR A 105 -10.59 0.81 -11.02
CA THR A 105 -10.58 0.51 -12.44
C THR A 105 -9.16 0.27 -12.92
N LYS A 106 -8.98 -0.80 -13.69
CA LYS A 106 -7.66 -1.15 -14.18
C LYS A 106 -7.39 -0.54 -15.56
N VAL A 107 -6.36 0.29 -15.64
CA VAL A 107 -5.89 0.74 -16.93
C VAL A 107 -4.83 -0.24 -17.42
N GLU A 108 -4.97 -0.66 -18.66
CA GLU A 108 -4.03 -1.62 -19.22
C GLU A 108 -3.48 -1.09 -20.53
N ILE A 109 -2.95 -2.00 -21.33
CA ILE A 109 -2.37 -1.64 -22.61
C ILE A 109 -3.08 -2.38 -23.75
N LYS A 110 -3.12 -1.75 -24.91
CA LYS A 110 -3.66 -2.38 -26.10
C LYS A 110 -2.48 -2.69 -26.99
N ARG A 111 -2.63 -3.68 -27.85
CA ARG A 111 -1.57 -4.05 -28.76
C ARG A 111 -2.12 -4.88 -29.90
N THR A 112 -1.22 -5.40 -30.73
CA THR A 112 -1.61 -6.31 -31.78
C THR A 112 -2.16 -7.56 -31.12
N VAL A 113 -3.02 -8.28 -31.82
CA VAL A 113 -3.56 -9.52 -31.28
C VAL A 113 -2.52 -10.63 -31.33
N ALA A 114 -2.26 -11.26 -30.19
CA ALA A 114 -1.29 -12.33 -30.09
C ALA A 114 -1.93 -13.64 -29.69
N ALA A 115 -1.64 -14.70 -30.45
CA ALA A 115 -2.18 -16.02 -30.16
C ALA A 115 -1.41 -16.68 -29.01
N PRO A 116 -2.10 -17.51 -28.22
CA PRO A 116 -1.46 -18.21 -27.10
C PRO A 116 -0.62 -19.40 -27.56
N SER A 117 0.50 -19.61 -26.89
CA SER A 117 1.25 -20.86 -27.06
C SER A 117 0.69 -21.85 -26.05
N VAL A 118 0.00 -22.87 -26.56
CA VAL A 118 -0.68 -23.82 -25.69
C VAL A 118 0.19 -25.03 -25.34
N PHE A 119 0.29 -25.32 -24.04
CA PHE A 119 1.04 -26.45 -23.55
C PHE A 119 0.14 -27.28 -22.63
N ILE A 120 0.49 -28.53 -22.42
CA ILE A 120 -0.28 -29.38 -21.51
C ILE A 120 0.63 -30.24 -20.63
N PHE A 121 0.24 -30.41 -19.38
CA PHE A 121 1.01 -31.18 -18.42
C PHE A 121 0.13 -32.21 -17.73
N PRO A 122 0.44 -33.50 -17.93
CA PRO A 122 -0.22 -34.61 -17.25
C PRO A 122 0.18 -34.61 -15.77
N PRO A 123 -0.62 -35.28 -14.92
CA PRO A 123 -0.29 -35.37 -13.50
C PRO A 123 1.02 -36.10 -13.27
N SER A 124 1.74 -35.75 -12.21
CA SER A 124 2.95 -36.46 -11.84
C SER A 124 2.60 -37.74 -11.11
N ASP A 125 3.57 -38.63 -10.94
CA ASP A 125 3.35 -39.90 -10.24
C ASP A 125 3.00 -39.66 -8.77
N SER A 126 3.77 -38.78 -8.14
CA SER A 126 3.59 -38.46 -6.72
C SER A 126 2.17 -38.00 -6.41
N GLN A 127 1.63 -37.13 -7.26
CA GLN A 127 0.26 -36.66 -7.09
C GLN A 127 -0.73 -37.82 -7.22
N LEU A 128 -0.50 -38.66 -8.22
CA LEU A 128 -1.32 -39.85 -8.43
C LEU A 128 -1.34 -40.73 -7.19
N LYS A 129 -0.22 -40.81 -6.50
CA LYS A 129 -0.15 -41.55 -5.24
C LYS A 129 -0.97 -40.85 -4.16
N SER A 130 -0.79 -39.54 -4.05
CA SER A 130 -1.52 -38.75 -3.06
C SER A 130 -3.03 -38.94 -3.12
N GLY A 131 -3.52 -39.38 -4.28
CA GLY A 131 -4.92 -39.76 -4.42
C GLY A 131 -5.67 -38.96 -5.46
N THR A 132 -5.00 -37.99 -6.07
CA THR A 132 -5.66 -37.05 -6.97
C THR A 132 -4.80 -36.85 -8.22
N ALA A 133 -5.40 -36.33 -9.30
CA ALA A 133 -4.68 -36.02 -10.52
C ALA A 133 -5.04 -34.63 -11.01
N SER A 134 -4.03 -33.79 -11.22
CA SER A 134 -4.26 -32.45 -11.77
C SER A 134 -3.57 -32.29 -13.13
N VAL A 135 -4.37 -32.01 -14.15
CA VAL A 135 -3.85 -31.76 -15.49
C VAL A 135 -3.82 -30.25 -15.73
N VAL A 136 -2.69 -29.74 -16.21
CA VAL A 136 -2.53 -28.30 -16.36
C VAL A 136 -2.41 -27.86 -17.82
N CYS A 137 -3.33 -27.00 -18.25
CA CYS A 137 -3.26 -26.43 -19.59
C CYS A 137 -2.74 -25.00 -19.52
N LEU A 138 -1.64 -24.74 -20.23
CA LEU A 138 -0.99 -23.44 -20.17
C LEU A 138 -1.15 -22.64 -21.47
N LEU A 139 -1.80 -21.49 -21.35
CA LEU A 139 -1.92 -20.56 -22.47
C LEU A 139 -0.90 -19.45 -22.29
N ASN A 140 0.13 -19.45 -23.12
CA ASN A 140 1.25 -18.55 -22.88
C ASN A 140 1.35 -17.35 -23.83
N ASN A 141 1.54 -16.18 -23.22
CA ASN A 141 1.77 -14.92 -23.93
C ASN A 141 0.73 -14.58 -25.00
N PHE A 142 -0.52 -14.45 -24.59
CA PHE A 142 -1.61 -14.22 -25.53
C PHE A 142 -2.32 -12.88 -25.31
N TYR A 143 -2.98 -12.39 -26.35
CA TYR A 143 -3.76 -11.16 -26.26
C TYR A 143 -5.03 -11.31 -27.12
N PRO A 144 -6.17 -10.85 -26.60
CA PRO A 144 -6.38 -10.24 -25.28
C PRO A 144 -6.59 -11.23 -24.15
N ARG A 145 -6.97 -10.72 -22.98
CA ARG A 145 -7.19 -11.52 -21.79
C ARG A 145 -8.30 -12.54 -22.01
N GLU A 146 -9.23 -12.21 -22.89
CA GLU A 146 -10.35 -13.10 -23.20
C GLU A 146 -9.89 -14.34 -23.96
N ALA A 147 -9.91 -15.48 -23.28
CA ALA A 147 -9.56 -16.76 -23.89
C ALA A 147 -10.41 -17.84 -23.28
N LYS A 148 -10.98 -18.69 -24.13
CA LYS A 148 -11.87 -19.75 -23.64
C LYS A 148 -11.18 -21.11 -23.65
N VAL A 149 -11.22 -21.78 -22.49
CA VAL A 149 -10.58 -23.09 -22.36
C VAL A 149 -11.62 -24.16 -22.00
N GLN A 150 -11.67 -25.21 -22.80
CA GLN A 150 -12.58 -26.32 -22.57
C GLN A 150 -11.81 -27.60 -22.30
N TRP A 151 -12.31 -28.41 -21.37
CA TRP A 151 -11.68 -29.69 -21.07
C TRP A 151 -12.47 -30.87 -21.62
N LYS A 152 -11.74 -31.83 -22.19
CA LYS A 152 -12.36 -33.02 -22.73
C LYS A 152 -11.68 -34.28 -22.23
N VAL A 153 -12.42 -35.08 -21.46
CA VAL A 153 -11.93 -36.39 -21.03
C VAL A 153 -12.58 -37.46 -21.89
N ASP A 154 -11.76 -38.14 -22.70
CA ASP A 154 -12.25 -39.11 -23.68
C ASP A 154 -13.33 -38.51 -24.57
N ASN A 155 -13.05 -37.30 -25.06
CA ASN A 155 -13.97 -36.55 -25.93
C ASN A 155 -15.25 -36.10 -25.23
N ALA A 156 -15.36 -36.40 -23.94
CA ALA A 156 -16.52 -35.97 -23.16
C ALA A 156 -16.24 -34.62 -22.50
N LEU A 157 -17.13 -33.67 -22.72
CA LEU A 157 -16.95 -32.31 -22.23
C LEU A 157 -17.06 -32.23 -20.70
N GLN A 158 -16.12 -31.53 -20.08
CA GLN A 158 -16.09 -31.40 -18.62
C GLN A 158 -16.59 -30.03 -18.18
N SER A 159 -17.24 -29.97 -17.03
CA SER A 159 -17.77 -28.72 -16.50
C SER A 159 -17.76 -28.68 -14.98
N GLY A 160 -17.21 -27.61 -14.42
CA GLY A 160 -17.25 -27.39 -13.00
C GLY A 160 -16.09 -28.00 -12.23
N ASN A 161 -15.26 -28.78 -12.92
CA ASN A 161 -14.14 -29.45 -12.26
C ASN A 161 -12.78 -28.89 -12.65
N SER A 162 -12.76 -27.63 -13.07
CA SER A 162 -11.51 -26.97 -13.41
C SER A 162 -11.49 -25.52 -12.95
N GLN A 163 -10.29 -24.98 -12.75
CA GLN A 163 -10.13 -23.59 -12.32
C GLN A 163 -9.12 -22.85 -13.19
N GLU A 164 -9.43 -21.60 -13.51
CA GLU A 164 -8.53 -20.80 -14.34
C GLU A 164 -7.82 -19.72 -13.51
N SER A 165 -6.62 -19.36 -13.95
CA SER A 165 -5.87 -18.30 -13.30
C SER A 165 -5.10 -17.48 -14.34
N VAL A 166 -5.34 -16.18 -14.36
CA VAL A 166 -4.69 -15.31 -15.33
C VAL A 166 -3.62 -14.45 -14.68
N THR A 167 -2.43 -14.44 -15.25
CA THR A 167 -1.32 -13.64 -14.74
C THR A 167 -1.59 -12.16 -14.92
N GLU A 168 -0.87 -11.34 -14.16
CA GLU A 168 -0.92 -9.90 -14.33
C GLU A 168 -0.22 -9.55 -15.64
N GLN A 169 -0.71 -8.52 -16.32
CA GLN A 169 -0.15 -8.14 -17.62
C GLN A 169 1.34 -7.83 -17.54
N ASP A 170 2.12 -8.45 -18.42
CA ASP A 170 3.57 -8.29 -18.42
C ASP A 170 3.97 -6.84 -18.65
N SER A 171 5.15 -6.48 -18.16
CA SER A 171 5.64 -5.11 -18.33
C SER A 171 6.86 -5.04 -19.23
N LYS A 172 6.90 -5.94 -20.22
CA LYS A 172 7.87 -5.88 -21.30
C LYS A 172 7.15 -6.09 -22.62
N ASP A 173 6.69 -7.31 -22.84
CA ASP A 173 5.97 -7.68 -24.05
C ASP A 173 4.49 -7.35 -23.91
N SER A 174 4.08 -7.02 -22.68
CA SER A 174 2.73 -6.55 -22.40
C SER A 174 1.62 -7.53 -22.77
N THR A 175 1.77 -8.79 -22.36
CA THR A 175 0.70 -9.77 -22.57
C THR A 175 0.41 -10.67 -21.37
N TYR A 176 -0.41 -11.68 -21.59
CA TYR A 176 -0.98 -12.47 -20.50
C TYR A 176 -0.55 -13.93 -20.54
N SER A 177 -0.80 -14.62 -19.44
CA SER A 177 -0.64 -16.07 -19.38
C SER A 177 -1.76 -16.64 -18.51
N LEU A 178 -2.42 -17.66 -19.04
CA LEU A 178 -3.53 -18.30 -18.33
C LEU A 178 -3.18 -19.74 -18.02
N SER A 179 -3.65 -20.23 -16.88
CA SER A 179 -3.49 -21.64 -16.54
C SER A 179 -4.84 -22.23 -16.16
N SER A 180 -5.24 -23.28 -16.85
CA SER A 180 -6.46 -24.00 -16.53
C SER A 180 -6.12 -25.35 -15.93
N THR A 181 -6.43 -25.50 -14.64
CA THR A 181 -6.15 -26.74 -13.94
C THR A 181 -7.40 -27.59 -13.79
N LEU A 182 -7.36 -28.79 -14.38
CA LEU A 182 -8.44 -29.75 -14.26
C LEU A 182 -8.09 -30.75 -13.17
N THR A 183 -9.01 -30.97 -12.25
CA THR A 183 -8.74 -31.85 -11.11
C THR A 183 -9.71 -33.04 -11.06
N LEU A 184 -9.14 -34.24 -11.12
CA LEU A 184 -9.92 -35.47 -10.98
C LEU A 184 -9.35 -36.30 -9.84
N SER A 185 -10.12 -37.29 -9.39
CA SER A 185 -9.59 -38.27 -8.45
C SER A 185 -8.62 -39.17 -9.18
N LYS A 186 -7.85 -39.95 -8.44
CA LYS A 186 -6.97 -40.96 -9.04
C LYS A 186 -7.81 -42.02 -9.73
N ALA A 187 -8.92 -42.38 -9.10
CA ALA A 187 -9.84 -43.38 -9.65
C ALA A 187 -10.40 -42.91 -11.00
N ASP A 188 -10.99 -41.71 -11.01
CA ASP A 188 -11.55 -41.15 -12.23
C ASP A 188 -10.49 -40.97 -13.31
N TYR A 189 -9.28 -40.62 -12.89
CA TYR A 189 -8.18 -40.40 -13.83
C TYR A 189 -7.69 -41.70 -14.47
N GLU A 190 -7.68 -42.77 -13.69
CA GLU A 190 -7.17 -44.06 -14.17
C GLU A 190 -8.18 -44.79 -15.07
N LYS A 191 -9.44 -44.41 -14.99
CA LYS A 191 -10.48 -45.07 -15.76
C LYS A 191 -10.60 -44.53 -17.18
N HIS A 192 -9.99 -43.37 -17.42
CA HIS A 192 -10.05 -42.75 -18.74
C HIS A 192 -8.70 -42.72 -19.45
N LYS A 193 -8.68 -42.21 -20.67
CA LYS A 193 -7.50 -42.36 -21.53
C LYS A 193 -6.96 -41.05 -22.11
N VAL A 194 -7.72 -40.42 -23.01
CA VAL A 194 -7.27 -39.18 -23.65
C VAL A 194 -7.72 -37.95 -22.87
N TYR A 195 -6.77 -37.06 -22.55
CA TYR A 195 -7.09 -35.82 -21.86
C TYR A 195 -6.74 -34.62 -22.74
N ALA A 196 -7.77 -33.88 -23.14
CA ALA A 196 -7.64 -32.82 -24.13
C ALA A 196 -8.01 -31.45 -23.60
N CYS A 197 -7.23 -30.45 -24.02
CA CYS A 197 -7.49 -29.07 -23.70
C CYS A 197 -7.73 -28.28 -24.97
N GLU A 198 -8.98 -27.87 -25.20
CA GLU A 198 -9.34 -27.11 -26.38
C GLU A 198 -9.35 -25.63 -26.08
N VAL A 199 -8.48 -24.88 -26.77
CA VAL A 199 -8.35 -23.45 -26.54
C VAL A 199 -8.87 -22.63 -27.72
N THR A 200 -9.87 -21.80 -27.46
CA THR A 200 -10.37 -20.88 -28.47
C THR A 200 -10.08 -19.44 -28.08
N HIS A 201 -9.55 -18.69 -29.04
CA HIS A 201 -9.08 -17.32 -28.81
C HIS A 201 -9.16 -16.53 -30.10
N GLN A 202 -9.28 -15.21 -29.99
CA GLN A 202 -9.44 -14.35 -31.16
C GLN A 202 -8.24 -14.41 -32.10
N GLY A 203 -7.06 -14.67 -31.53
CA GLY A 203 -5.84 -14.74 -32.30
C GLY A 203 -5.66 -16.04 -33.04
N LEU A 204 -6.60 -16.96 -32.85
CA LEU A 204 -6.55 -18.26 -33.50
C LEU A 204 -7.62 -18.37 -34.58
N SER A 205 -7.20 -18.80 -35.77
CA SER A 205 -8.13 -18.99 -36.88
C SER A 205 -9.09 -20.11 -36.56
N SER A 206 -8.57 -21.14 -35.92
CA SER A 206 -9.36 -22.30 -35.49
C SER A 206 -8.96 -22.67 -34.07
N PRO A 207 -9.88 -23.27 -33.31
CA PRO A 207 -9.60 -23.71 -31.93
C PRO A 207 -8.41 -24.67 -31.86
N VAL A 208 -7.47 -24.38 -30.98
CA VAL A 208 -6.29 -25.23 -30.79
C VAL A 208 -6.52 -26.26 -29.69
N THR A 209 -6.26 -27.52 -30.02
CA THR A 209 -6.45 -28.60 -29.06
C THR A 209 -5.15 -29.31 -28.72
N LYS A 210 -4.75 -29.25 -27.46
CA LYS A 210 -3.56 -29.96 -26.99
C LYS A 210 -3.96 -31.08 -26.04
N SER A 211 -3.65 -32.32 -26.42
CA SER A 211 -4.05 -33.45 -25.59
C SER A 211 -2.90 -34.41 -25.29
N PHE A 212 -3.16 -35.35 -24.39
CA PHE A 212 -2.21 -36.41 -24.13
C PHE A 212 -2.91 -37.74 -23.84
N ASN A 213 -2.17 -38.83 -24.03
CA ASN A 213 -2.70 -40.17 -23.80
C ASN A 213 -1.91 -40.88 -22.70
N ARG A 214 -2.64 -41.47 -21.75
CA ARG A 214 -2.04 -42.20 -20.65
C ARG A 214 -1.34 -43.48 -21.11
N GLY A 215 -1.75 -43.98 -22.26
CA GLY A 215 -1.14 -45.18 -22.83
C GLY A 215 0.28 -44.93 -23.25
N GLU A 216 0.53 -43.76 -23.82
CA GLU A 216 1.87 -43.38 -24.26
C GLU A 216 2.74 -42.99 -23.07
N TYR A 222 8.34 -46.33 -26.95
CA TYR A 222 8.30 -47.71 -26.47
C TYR A 222 9.01 -48.63 -27.45
N LYS A 223 9.39 -49.81 -26.97
CA LYS A 223 10.08 -50.79 -27.81
C LYS A 223 9.19 -51.99 -28.10
N ASP A 224 8.07 -52.08 -27.39
CA ASP A 224 7.18 -53.22 -27.53
C ASP A 224 5.73 -52.81 -27.75
N ASP A 225 5.09 -53.46 -28.71
CA ASP A 225 3.66 -53.31 -28.92
C ASP A 225 2.95 -53.60 -27.60
N ASP A 226 1.99 -52.77 -27.25
CA ASP A 226 1.28 -52.95 -25.99
C ASP A 226 0.52 -54.28 -26.00
N ASP A 227 0.25 -54.81 -24.83
CA ASP A 227 -0.54 -56.04 -24.67
C ASP A 227 -1.85 -55.99 -25.45
N SER B 1 14.52 11.46 10.35
CA SER B 1 13.38 10.55 10.42
C SER B 1 12.40 10.79 9.27
N GLU B 2 12.19 9.76 8.45
CA GLU B 2 11.26 9.85 7.33
C GLU B 2 9.92 9.22 7.71
N VAL B 3 8.89 9.51 6.92
CA VAL B 3 7.55 9.03 7.21
C VAL B 3 7.35 7.55 6.89
N GLN B 4 6.90 6.78 7.88
CA GLN B 4 6.70 5.34 7.70
C GLN B 4 5.55 4.81 8.56
N LEU B 5 4.76 3.91 7.98
CA LEU B 5 3.71 3.20 8.70
C LEU B 5 3.96 1.70 8.61
N VAL B 6 4.10 1.04 9.76
CA VAL B 6 4.37 -0.39 9.79
C VAL B 6 3.27 -1.16 10.51
N GLU B 7 2.52 -1.95 9.75
CA GLU B 7 1.46 -2.77 10.34
C GLU B 7 2.02 -4.09 10.83
N SER B 8 1.33 -4.69 11.81
CA SER B 8 1.71 -5.99 12.35
C SER B 8 0.55 -6.58 13.14
N GLY B 9 0.64 -7.87 13.44
CA GLY B 9 -0.38 -8.54 14.22
C GLY B 9 -1.28 -9.43 13.38
N GLY B 10 -1.08 -9.42 12.07
CA GLY B 10 -1.88 -10.24 11.17
C GLY B 10 -1.55 -11.71 11.28
N GLY B 11 -2.47 -12.56 10.82
CA GLY B 11 -2.27 -13.99 10.87
C GLY B 11 -3.52 -14.77 10.51
N LEU B 12 -3.52 -16.05 10.87
CA LEU B 12 -4.65 -16.92 10.58
C LEU B 12 -5.38 -17.32 11.86
N VAL B 13 -6.67 -17.01 11.93
CA VAL B 13 -7.47 -17.31 13.10
C VAL B 13 -8.82 -17.92 12.74
N GLN B 14 -9.48 -18.47 13.76
CA GLN B 14 -10.77 -19.14 13.58
C GLN B 14 -11.93 -18.15 13.61
N PRO B 15 -13.02 -18.47 12.90
CA PRO B 15 -14.24 -17.65 12.93
C PRO B 15 -14.74 -17.49 14.35
N GLY B 16 -15.03 -16.27 14.77
CA GLY B 16 -15.45 -16.00 16.13
C GLY B 16 -14.27 -15.68 17.03
N GLY B 17 -13.06 -15.92 16.52
CA GLY B 17 -11.84 -15.64 17.27
C GLY B 17 -11.49 -14.17 17.24
N SER B 18 -10.35 -13.81 17.84
CA SER B 18 -9.95 -12.42 17.91
C SER B 18 -8.51 -12.20 17.48
N LEU B 19 -8.19 -10.94 17.19
CA LEU B 19 -6.86 -10.57 16.71
C LEU B 19 -6.64 -9.09 16.96
N ARG B 20 -5.38 -8.67 17.11
CA ARG B 20 -5.10 -7.27 17.40
C ARG B 20 -4.01 -6.71 16.50
N LEU B 21 -4.38 -5.77 15.63
CA LEU B 21 -3.42 -5.18 14.71
C LEU B 21 -2.79 -3.93 15.32
N SER B 22 -1.54 -3.67 14.96
CA SER B 22 -0.85 -2.47 15.44
C SER B 22 -0.14 -1.78 14.28
N CYS B 23 -0.20 -0.45 14.28
CA CYS B 23 0.41 0.35 13.23
C CYS B 23 1.39 1.35 13.82
N ALA B 24 2.68 1.03 13.72
CA ALA B 24 3.72 1.91 14.24
C ALA B 24 4.02 3.04 13.25
N ALA B 25 3.98 4.27 13.73
CA ALA B 25 4.20 5.43 12.88
C ALA B 25 5.51 6.14 13.21
N SER B 26 6.21 6.58 12.17
CA SER B 26 7.44 7.34 12.37
C SER B 26 7.58 8.45 11.33
N GLY B 27 8.38 9.46 11.65
CA GLY B 27 8.55 10.60 10.78
C GLY B 27 7.57 11.70 11.11
N PHE B 28 6.48 11.33 11.76
CA PHE B 28 5.45 12.27 12.18
C PHE B 28 4.78 11.74 13.44
N ASN B 29 4.03 12.60 14.13
CA ASN B 29 3.29 12.16 15.30
C ASN B 29 1.80 12.03 15.01
N ILE B 30 1.19 10.97 15.55
CA ILE B 30 -0.21 10.66 15.27
C ILE B 30 -1.17 11.56 16.04
N SER B 31 -0.67 12.25 17.05
CA SER B 31 -1.52 13.15 17.84
C SER B 31 -1.98 14.35 17.01
N VAL B 32 -1.35 14.53 15.86
CA VAL B 32 -1.64 15.65 14.98
C VAL B 32 -2.49 15.21 13.79
N TYR B 33 -2.34 13.95 13.39
CA TYR B 33 -3.08 13.42 12.24
C TYR B 33 -4.14 12.40 12.64
N MET B 34 -5.23 12.36 11.89
CA MET B 34 -6.24 11.33 12.08
C MET B 34 -5.73 10.04 11.48
N MET B 35 -5.91 8.92 12.18
CA MET B 35 -5.41 7.64 11.71
C MET B 35 -6.55 6.70 11.31
N HIS B 36 -6.41 6.05 10.16
CA HIS B 36 -7.47 5.21 9.63
C HIS B 36 -7.02 3.77 9.37
N TRP B 37 -7.96 2.84 9.47
CA TRP B 37 -7.74 1.47 9.06
C TRP B 37 -8.63 1.16 7.86
N VAL B 38 -8.02 0.69 6.78
CA VAL B 38 -8.73 0.37 5.55
C VAL B 38 -8.31 -1.00 5.03
N ARG B 39 -9.25 -1.90 4.84
CA ARG B 39 -8.92 -3.26 4.41
C ARG B 39 -9.20 -3.50 2.94
N GLN B 40 -8.48 -4.46 2.36
CA GLN B 40 -8.68 -4.86 0.98
C GLN B 40 -8.83 -6.37 0.87
N ALA B 41 -10.06 -6.81 0.62
CA ALA B 41 -10.33 -8.23 0.42
C ALA B 41 -9.62 -8.70 -0.85
N PRO B 42 -9.24 -10.00 -0.90
CA PRO B 42 -8.48 -10.50 -2.05
C PRO B 42 -9.23 -10.41 -3.37
N GLY B 43 -8.61 -9.78 -4.37
CA GLY B 43 -9.22 -9.61 -5.67
C GLY B 43 -10.23 -8.48 -5.70
N LYS B 44 -10.51 -7.91 -4.52
CA LYS B 44 -11.53 -6.88 -4.40
C LYS B 44 -10.93 -5.50 -4.18
N GLY B 45 -11.78 -4.49 -4.15
CA GLY B 45 -11.34 -3.11 -3.98
C GLY B 45 -11.05 -2.78 -2.53
N LEU B 46 -11.12 -1.49 -2.22
CA LEU B 46 -10.81 -1.02 -0.87
C LEU B 46 -12.06 -0.81 -0.04
N GLU B 47 -11.96 -1.13 1.25
CA GLU B 47 -13.07 -0.89 2.17
C GLU B 47 -12.59 -0.19 3.44
N TRP B 48 -13.15 0.98 3.71
CA TRP B 48 -12.81 1.72 4.92
C TRP B 48 -13.35 1.01 6.15
N VAL B 49 -12.46 0.73 7.10
CA VAL B 49 -12.84 0.02 8.31
C VAL B 49 -13.10 0.97 9.48
N ALA B 50 -12.06 1.71 9.88
CA ALA B 50 -12.21 2.57 11.05
C ALA B 50 -11.33 3.82 11.01
N SER B 51 -11.51 4.69 12.01
CA SER B 51 -10.72 5.91 12.11
C SER B 51 -10.72 6.46 13.53
N ILE B 52 -9.68 7.22 13.86
CA ILE B 52 -9.54 7.78 15.20
C ILE B 52 -8.70 9.06 15.21
N TYR B 53 -9.07 9.99 16.07
CA TYR B 53 -8.21 11.11 16.42
C TYR B 53 -7.46 10.73 17.69
N PRO B 54 -6.18 10.34 17.55
CA PRO B 54 -5.37 9.86 18.68
C PRO B 54 -5.29 10.86 19.83
N TYR B 55 -5.41 12.15 19.54
CA TYR B 55 -5.33 13.18 20.57
C TYR B 55 -6.58 13.20 21.44
N SER B 56 -7.74 13.29 20.80
CA SER B 56 -9.00 13.39 21.53
C SER B 56 -9.52 12.01 21.94
N GLY B 57 -9.19 11.00 21.16
CA GLY B 57 -9.68 9.65 21.40
C GLY B 57 -11.01 9.42 20.73
N TYR B 58 -11.52 10.44 20.05
CA TYR B 58 -12.76 10.32 19.30
C TYR B 58 -12.61 9.28 18.20
N THR B 59 -13.63 8.45 18.05
CA THR B 59 -13.53 7.28 17.19
C THR B 59 -14.69 7.20 16.19
N TYR B 60 -14.45 6.55 15.06
CA TYR B 60 -15.47 6.37 14.04
C TYR B 60 -15.31 5.00 13.38
N TYR B 61 -16.43 4.32 13.16
CA TYR B 61 -16.40 2.95 12.65
C TYR B 61 -17.30 2.75 11.44
N ALA B 62 -17.02 1.70 10.68
CA ALA B 62 -17.90 1.26 9.61
C ALA B 62 -19.05 0.47 10.21
N ASP B 63 -20.20 0.49 9.55
CA ASP B 63 -21.40 -0.18 10.05
C ASP B 63 -21.22 -1.69 10.19
N SER B 64 -20.35 -2.27 9.37
CA SER B 64 -20.21 -3.72 9.32
C SER B 64 -19.29 -4.29 10.40
N VAL B 65 -18.59 -3.42 11.12
CA VAL B 65 -17.60 -3.88 12.11
C VAL B 65 -17.84 -3.34 13.52
N LYS B 66 -18.93 -2.60 13.73
CA LYS B 66 -19.19 -2.04 15.05
C LYS B 66 -19.70 -3.07 16.06
N GLY B 67 -19.22 -2.97 17.28
CA GLY B 67 -19.53 -3.95 18.32
C GLY B 67 -18.51 -5.07 18.30
N ARG B 68 -17.76 -5.17 17.20
CA ARG B 68 -16.78 -6.21 17.01
C ARG B 68 -15.37 -5.65 17.00
N PHE B 69 -15.16 -4.59 16.22
CA PHE B 69 -13.85 -3.97 16.10
C PHE B 69 -13.75 -2.76 17.03
N THR B 70 -12.53 -2.48 17.48
CA THR B 70 -12.29 -1.34 18.35
C THR B 70 -10.93 -0.70 18.05
N ILE B 71 -10.97 0.46 17.40
CA ILE B 71 -9.73 1.17 17.06
C ILE B 71 -9.30 2.05 18.23
N SER B 72 -8.00 2.07 18.49
CA SER B 72 -7.46 2.93 19.55
C SER B 72 -6.10 3.48 19.14
N ALA B 73 -5.50 4.28 20.01
CA ALA B 73 -4.21 4.88 19.68
C ALA B 73 -3.42 5.25 20.93
N ASP B 74 -2.13 5.00 20.89
CA ASP B 74 -1.21 5.43 21.93
C ASP B 74 -0.25 6.45 21.34
N THR B 75 -0.39 7.70 21.78
CA THR B 75 0.41 8.80 21.26
C THR B 75 1.82 8.78 21.84
N SER B 76 1.98 8.17 23.01
CA SER B 76 3.30 8.07 23.63
C SER B 76 4.18 7.11 22.85
N LYS B 77 3.54 6.21 22.10
CA LYS B 77 4.26 5.23 21.30
C LYS B 77 4.11 5.52 19.82
N ASN B 78 3.32 6.55 19.50
CA ASN B 78 3.03 6.93 18.13
C ASN B 78 2.47 5.74 17.34
N THR B 79 1.60 4.97 17.99
CA THR B 79 1.12 3.73 17.41
C THR B 79 -0.40 3.63 17.43
N ALA B 80 -0.98 3.12 16.35
CA ALA B 80 -2.42 2.88 16.29
C ALA B 80 -2.72 1.41 16.56
N TYR B 81 -3.97 1.11 16.92
CA TYR B 81 -4.37 -0.26 17.21
C TYR B 81 -5.76 -0.57 16.67
N LEU B 82 -5.95 -1.81 16.23
CA LEU B 82 -7.25 -2.29 15.79
C LEU B 82 -7.56 -3.63 16.46
N GLN B 83 -8.40 -3.58 17.48
CA GLN B 83 -8.81 -4.77 18.22
C GLN B 83 -10.02 -5.43 17.55
N MET B 84 -9.76 -6.47 16.77
CA MET B 84 -10.79 -7.18 16.03
C MET B 84 -11.31 -8.38 16.82
N ASN B 85 -12.56 -8.29 17.28
CA ASN B 85 -13.21 -9.42 17.96
C ASN B 85 -14.36 -9.96 17.12
N SER B 86 -14.80 -11.17 17.46
CA SER B 86 -15.90 -11.83 16.76
C SER B 86 -15.67 -11.87 15.25
N LEU B 87 -14.50 -12.38 14.86
CA LEU B 87 -14.09 -12.38 13.47
C LEU B 87 -14.91 -13.32 12.59
N ARG B 88 -15.13 -12.91 11.35
CA ARG B 88 -15.90 -13.71 10.39
C ARG B 88 -15.06 -13.94 9.13
N ALA B 89 -15.52 -14.86 8.28
CA ALA B 89 -14.80 -15.21 7.07
C ALA B 89 -14.61 -14.03 6.14
N GLU B 90 -15.58 -13.12 6.10
CA GLU B 90 -15.53 -11.98 5.20
C GLU B 90 -14.64 -10.86 5.73
N ASP B 91 -14.02 -11.09 6.88
CA ASP B 91 -13.05 -10.15 7.43
C ASP B 91 -11.66 -10.45 6.87
N THR B 92 -11.56 -11.54 6.13
CA THR B 92 -10.31 -11.94 5.50
C THR B 92 -9.89 -10.92 4.45
N ALA B 93 -8.86 -10.15 4.78
CA ALA B 93 -8.40 -9.08 3.90
C ALA B 93 -7.01 -8.60 4.31
N VAL B 94 -6.39 -7.79 3.45
CA VAL B 94 -5.13 -7.15 3.79
C VAL B 94 -5.43 -5.81 4.44
N TYR B 95 -5.06 -5.66 5.70
CA TYR B 95 -5.40 -4.45 6.47
C TYR B 95 -4.31 -3.39 6.43
N TYR B 96 -4.67 -2.22 5.91
CA TYR B 96 -3.77 -1.09 5.79
C TYR B 96 -4.01 -0.04 6.88
N CYS B 97 -2.91 0.49 7.40
CA CYS B 97 -2.96 1.64 8.30
C CYS B 97 -2.62 2.88 7.45
N ALA B 98 -3.41 3.94 7.60
CA ALA B 98 -3.23 5.12 6.75
C ALA B 98 -3.35 6.45 7.49
N ARG B 99 -2.59 7.44 7.03
CA ARG B 99 -2.65 8.77 7.61
C ARG B 99 -3.68 9.62 6.88
N TYR B 100 -4.45 10.39 7.63
CA TYR B 100 -5.57 11.15 7.08
C TYR B 100 -5.33 12.66 7.13
N VAL B 101 -5.40 13.31 5.97
CA VAL B 101 -5.27 14.75 5.90
C VAL B 101 -6.04 15.31 4.70
N TYR B 102 -6.77 16.40 4.92
CA TYR B 102 -7.63 17.01 3.90
C TYR B 102 -8.59 15.99 3.28
N HIS B 103 -9.34 15.30 4.14
CA HIS B 103 -10.37 14.34 3.73
C HIS B 103 -9.84 13.18 2.91
N ALA B 104 -8.53 12.97 2.95
CA ALA B 104 -7.95 11.93 2.12
C ALA B 104 -6.87 11.21 2.90
N LEU B 105 -6.37 10.12 2.33
CA LEU B 105 -5.34 9.32 2.95
C LEU B 105 -4.03 9.46 2.18
N ASP B 106 -3.11 10.25 2.73
CA ASP B 106 -1.87 10.60 2.01
C ASP B 106 -0.74 9.58 2.15
N TYR B 107 -0.73 8.82 3.23
CA TYR B 107 0.27 7.78 3.43
C TYR B 107 -0.34 6.46 3.85
N TRP B 108 0.13 5.38 3.24
CA TRP B 108 -0.37 4.05 3.53
C TRP B 108 0.76 3.14 3.99
N GLY B 109 0.50 2.35 5.03
CA GLY B 109 1.39 1.26 5.37
C GLY B 109 1.23 0.19 4.32
N GLN B 110 2.17 -0.76 4.26
CA GLN B 110 2.10 -1.80 3.24
C GLN B 110 1.17 -2.95 3.65
N GLY B 111 0.48 -2.76 4.77
CA GLY B 111 -0.59 -3.67 5.15
C GLY B 111 -0.15 -4.98 5.78
N THR B 112 -1.07 -5.62 6.51
CA THR B 112 -0.81 -6.93 7.09
C THR B 112 -1.94 -7.90 6.73
N LEU B 113 -1.57 -9.14 6.38
CA LEU B 113 -2.54 -10.12 5.93
C LEU B 113 -3.30 -10.76 7.09
N VAL B 114 -4.63 -10.72 7.01
CA VAL B 114 -5.48 -11.34 8.02
C VAL B 114 -6.44 -12.32 7.37
N THR B 115 -6.37 -13.59 7.76
CA THR B 115 -7.25 -14.61 7.22
C THR B 115 -8.08 -15.27 8.31
N VAL B 116 -9.39 -15.30 8.09
CA VAL B 116 -10.30 -15.93 9.04
C VAL B 116 -10.99 -17.14 8.41
N SER B 117 -10.63 -18.33 8.88
CA SER B 117 -11.19 -19.56 8.34
C SER B 117 -11.04 -20.72 9.33
N SER B 118 -11.73 -21.81 9.04
CA SER B 118 -11.65 -23.01 9.89
C SER B 118 -10.45 -23.87 9.47
N ALA B 119 -9.99 -23.67 8.24
CA ALA B 119 -8.89 -24.45 7.69
C ALA B 119 -7.60 -24.24 8.48
N SER B 120 -6.93 -25.35 8.80
CA SER B 120 -5.68 -25.30 9.55
C SER B 120 -4.51 -24.91 8.65
N THR B 121 -3.47 -24.35 9.25
CA THR B 121 -2.28 -23.95 8.51
C THR B 121 -1.62 -25.19 7.89
N LYS B 122 -1.44 -25.16 6.57
CA LYS B 122 -1.00 -26.35 5.86
C LYS B 122 0.13 -26.06 4.88
N GLY B 123 1.06 -27.00 4.77
CA GLY B 123 2.14 -26.90 3.82
C GLY B 123 1.71 -27.40 2.46
N PRO B 124 2.32 -26.85 1.40
CA PRO B 124 1.97 -27.22 0.03
C PRO B 124 2.68 -28.49 -0.44
N SER B 125 2.02 -29.23 -1.33
CA SER B 125 2.68 -30.32 -2.04
C SER B 125 3.13 -29.80 -3.39
N VAL B 126 4.41 -30.03 -3.71
CA VAL B 126 4.97 -29.53 -4.97
C VAL B 126 5.16 -30.67 -5.95
N PHE B 127 4.48 -30.62 -7.09
CA PHE B 127 4.60 -31.66 -8.09
C PHE B 127 5.21 -31.11 -9.37
N PRO B 128 6.02 -31.91 -10.06
CA PRO B 128 6.67 -31.45 -11.29
C PRO B 128 5.70 -31.27 -12.45
N LEU B 129 5.69 -30.09 -13.06
CA LEU B 129 5.04 -29.89 -14.34
C LEU B 129 6.10 -30.09 -15.41
N ALA B 130 6.39 -31.35 -15.69
CA ALA B 130 7.54 -31.75 -16.52
C ALA B 130 7.46 -31.22 -17.95
N PRO B 131 8.62 -30.77 -18.48
CA PRO B 131 8.73 -30.35 -19.87
C PRO B 131 8.67 -31.59 -20.76
N SER B 132 8.17 -31.43 -21.98
CA SER B 132 7.97 -32.58 -22.85
C SER B 132 7.82 -32.14 -24.30
N SER B 133 7.47 -33.10 -25.16
CA SER B 133 7.09 -32.79 -26.53
C SER B 133 5.77 -32.04 -26.50
N LYS B 134 4.88 -32.47 -25.60
CA LYS B 134 3.60 -31.82 -25.38
C LYS B 134 3.79 -30.41 -24.82
N SER B 135 5.01 -30.15 -24.35
CA SER B 135 5.33 -28.85 -23.76
C SER B 135 6.37 -28.11 -24.58
N THR B 136 6.73 -28.66 -25.73
CA THR B 136 7.72 -28.04 -26.62
C THR B 136 7.04 -27.46 -27.86
N SER B 137 7.29 -26.18 -28.12
CA SER B 137 6.68 -25.51 -29.26
C SER B 137 7.73 -24.79 -30.11
N GLY B 138 8.23 -25.47 -31.14
CA GLY B 138 9.18 -24.89 -32.07
C GLY B 138 10.49 -24.49 -31.43
N GLY B 139 11.19 -25.46 -30.84
CA GLY B 139 12.48 -25.21 -30.22
C GLY B 139 12.36 -24.55 -28.86
N THR B 140 11.12 -24.35 -28.40
CA THR B 140 10.88 -23.74 -27.10
C THR B 140 9.97 -24.61 -26.23
N ALA B 141 10.51 -25.07 -25.11
CA ALA B 141 9.76 -25.91 -24.19
C ALA B 141 9.36 -25.15 -22.93
N ALA B 142 8.20 -25.50 -22.38
CA ALA B 142 7.73 -24.86 -21.16
C ALA B 142 7.62 -25.87 -20.02
N LEU B 143 8.22 -25.55 -18.88
CA LEU B 143 8.12 -26.45 -17.73
C LEU B 143 7.65 -25.69 -16.50
N GLY B 144 7.52 -26.39 -15.39
CA GLY B 144 7.12 -25.71 -14.17
C GLY B 144 6.90 -26.60 -12.96
N CYS B 145 6.18 -26.08 -11.98
CA CYS B 145 5.85 -26.83 -10.78
C CYS B 145 4.50 -26.41 -10.20
N LEU B 146 3.69 -27.41 -9.88
CA LEU B 146 2.38 -27.21 -9.28
C LEU B 146 2.49 -27.16 -7.76
N VAL B 147 2.15 -26.01 -7.19
CA VAL B 147 2.15 -25.83 -5.74
C VAL B 147 0.71 -25.96 -5.24
N LYS B 148 0.36 -27.14 -4.74
CA LYS B 148 -1.02 -27.48 -4.46
C LYS B 148 -1.33 -27.65 -2.98
N ASP B 149 -2.54 -27.25 -2.58
CA ASP B 149 -3.06 -27.49 -1.24
C ASP B 149 -2.22 -26.88 -0.11
N TYR B 150 -2.22 -25.56 -0.02
CA TYR B 150 -1.57 -24.87 1.08
C TYR B 150 -2.50 -23.83 1.68
N PHE B 151 -2.23 -23.44 2.92
CA PHE B 151 -3.06 -22.46 3.61
C PHE B 151 -2.33 -21.89 4.81
N PRO B 152 -2.29 -20.56 4.93
CA PRO B 152 -2.87 -19.63 3.95
C PRO B 152 -1.78 -19.03 3.05
N GLU B 153 -2.08 -17.86 2.48
CA GLU B 153 -1.13 -17.13 1.65
C GLU B 153 -0.06 -16.49 2.53
N PRO B 154 1.11 -16.18 1.93
CA PRO B 154 1.50 -16.45 0.55
C PRO B 154 2.52 -17.58 0.42
N VAL B 155 2.87 -17.90 -0.82
CA VAL B 155 4.00 -18.78 -1.09
C VAL B 155 4.99 -18.02 -1.97
N THR B 156 6.27 -18.37 -1.86
CA THR B 156 7.28 -17.76 -2.70
C THR B 156 7.97 -18.81 -3.56
N VAL B 157 7.88 -18.63 -4.87
CA VAL B 157 8.49 -19.56 -5.81
C VAL B 157 9.56 -18.87 -6.65
N SER B 158 10.78 -19.37 -6.59
CA SER B 158 11.83 -18.88 -7.47
C SER B 158 12.39 -20.03 -8.30
N TRP B 159 13.28 -19.73 -9.23
CA TRP B 159 13.85 -20.76 -10.09
C TRP B 159 15.38 -20.73 -10.06
N ASN B 160 15.97 -21.87 -9.74
CA ASN B 160 17.42 -22.00 -9.58
C ASN B 160 17.98 -20.96 -8.60
N SER B 161 17.29 -20.79 -7.48
CA SER B 161 17.68 -19.86 -6.43
C SER B 161 17.79 -18.41 -6.91
N GLY B 162 16.84 -17.99 -7.73
CA GLY B 162 16.80 -16.61 -8.20
C GLY B 162 17.57 -16.36 -9.48
N ALA B 163 18.31 -17.37 -9.93
CA ALA B 163 19.11 -17.24 -11.14
C ALA B 163 18.22 -17.13 -12.38
N LEU B 164 17.32 -18.09 -12.53
CA LEU B 164 16.39 -18.08 -13.65
C LEU B 164 15.14 -17.26 -13.32
N THR B 165 15.01 -16.11 -13.98
CA THR B 165 13.88 -15.21 -13.72
C THR B 165 13.23 -14.75 -15.02
N SER B 166 13.91 -14.98 -16.13
CA SER B 166 13.41 -14.56 -17.44
C SER B 166 12.42 -15.58 -18.00
N GLY B 167 11.20 -15.13 -18.28
CA GLY B 167 10.18 -15.99 -18.84
C GLY B 167 9.43 -16.77 -17.77
N VAL B 168 9.57 -16.34 -16.52
CA VAL B 168 8.92 -17.01 -15.40
C VAL B 168 7.54 -16.43 -15.13
N HIS B 169 6.53 -17.29 -15.08
CA HIS B 169 5.17 -16.87 -14.76
C HIS B 169 4.62 -17.63 -13.56
N THR B 170 4.55 -16.95 -12.42
CA THR B 170 3.95 -17.52 -11.22
C THR B 170 2.51 -17.04 -11.07
N PHE B 171 1.57 -17.94 -11.34
CA PHE B 171 0.15 -17.60 -11.32
C PHE B 171 -0.34 -17.27 -9.91
N PRO B 172 -1.27 -16.29 -9.81
CA PRO B 172 -1.88 -15.95 -8.53
C PRO B 172 -2.68 -17.12 -7.97
N ALA B 173 -2.78 -17.20 -6.65
CA ALA B 173 -3.44 -18.32 -6.00
C ALA B 173 -4.95 -18.35 -6.29
N VAL B 174 -5.50 -19.56 -6.32
CA VAL B 174 -6.93 -19.74 -6.49
C VAL B 174 -7.49 -20.66 -5.40
N LEU B 175 -8.51 -20.18 -4.69
CA LEU B 175 -9.09 -20.94 -3.59
C LEU B 175 -9.96 -22.09 -4.10
N GLN B 176 -9.65 -23.30 -3.67
CA GLN B 176 -10.36 -24.49 -4.13
C GLN B 176 -11.59 -24.77 -3.27
N SER B 177 -12.44 -25.67 -3.74
CA SER B 177 -13.67 -26.03 -3.03
C SER B 177 -13.37 -26.70 -1.70
N SER B 178 -12.16 -27.25 -1.59
CA SER B 178 -11.71 -27.86 -0.34
C SER B 178 -11.36 -26.78 0.68
N GLY B 179 -11.09 -25.58 0.19
CA GLY B 179 -10.74 -24.46 1.07
C GLY B 179 -9.25 -24.19 1.11
N LEU B 180 -8.51 -24.84 0.21
CA LEU B 180 -7.06 -24.68 0.17
C LEU B 180 -6.62 -23.96 -1.11
N TYR B 181 -5.48 -23.29 -1.03
CA TYR B 181 -4.94 -22.54 -2.17
C TYR B 181 -4.06 -23.41 -3.06
N SER B 182 -4.13 -23.18 -4.37
CA SER B 182 -3.28 -23.87 -5.32
C SER B 182 -2.87 -22.95 -6.47
N LEU B 183 -1.63 -23.10 -6.93
CA LEU B 183 -1.14 -22.36 -8.08
C LEU B 183 0.00 -23.09 -8.76
N SER B 184 0.27 -22.72 -10.01
CA SER B 184 1.38 -23.30 -10.74
C SER B 184 2.38 -22.21 -11.10
N SER B 185 3.66 -22.55 -11.07
CA SER B 185 4.70 -21.63 -11.51
C SER B 185 5.39 -22.21 -12.73
N VAL B 186 5.24 -21.53 -13.87
CA VAL B 186 5.81 -22.03 -15.11
C VAL B 186 6.96 -21.17 -15.61
N VAL B 187 7.62 -21.65 -16.65
CA VAL B 187 8.77 -20.96 -17.24
C VAL B 187 9.03 -21.49 -18.65
N THR B 188 9.25 -20.57 -19.58
CA THR B 188 9.64 -20.93 -20.93
C THR B 188 11.13 -20.92 -21.09
N VAL B 189 11.63 -21.92 -21.80
CA VAL B 189 13.04 -22.21 -21.83
C VAL B 189 13.35 -22.93 -23.13
N PRO B 190 14.49 -22.59 -23.76
CA PRO B 190 14.95 -23.28 -24.96
C PRO B 190 14.98 -24.80 -24.76
N SER B 191 14.26 -25.52 -25.62
CA SER B 191 14.11 -26.97 -25.50
C SER B 191 15.42 -27.71 -25.68
N SER B 192 16.38 -27.06 -26.32
CA SER B 192 17.70 -27.63 -26.53
C SER B 192 18.46 -27.82 -25.21
N SER B 193 18.02 -27.08 -24.19
CA SER B 193 18.70 -27.07 -22.89
C SER B 193 18.14 -28.10 -21.92
N LEU B 194 17.23 -28.94 -22.40
CA LEU B 194 16.47 -29.83 -21.52
C LEU B 194 17.28 -31.00 -20.94
N GLY B 195 18.15 -31.58 -21.76
CA GLY B 195 18.95 -32.71 -21.31
C GLY B 195 20.29 -32.29 -20.73
N THR B 196 20.47 -30.98 -20.57
CA THR B 196 21.74 -30.43 -20.11
C THR B 196 21.61 -29.54 -18.88
N GLN B 197 20.61 -28.65 -18.90
CA GLN B 197 20.44 -27.67 -17.84
C GLN B 197 19.47 -28.14 -16.75
N THR B 198 19.80 -27.84 -15.50
CA THR B 198 18.91 -28.18 -14.38
C THR B 198 17.98 -27.02 -14.03
N TYR B 199 16.73 -27.36 -13.73
CA TYR B 199 15.73 -26.37 -13.33
C TYR B 199 15.06 -26.79 -12.03
N ILE B 200 14.99 -25.88 -11.06
CA ILE B 200 14.50 -26.23 -9.73
C ILE B 200 13.44 -25.27 -9.21
N CYS B 201 12.27 -25.80 -8.88
CA CYS B 201 11.27 -25.07 -8.12
C CYS B 201 11.85 -24.78 -6.74
N ASN B 202 11.92 -23.50 -6.39
CA ASN B 202 12.29 -23.12 -5.04
C ASN B 202 11.05 -22.57 -4.33
N VAL B 203 10.36 -23.46 -3.62
CA VAL B 203 9.07 -23.12 -3.02
C VAL B 203 9.15 -22.97 -1.51
N ASN B 204 8.69 -21.82 -1.02
CA ASN B 204 8.63 -21.57 0.42
C ASN B 204 7.23 -21.17 0.88
N HIS B 205 6.81 -21.71 2.01
CA HIS B 205 5.55 -21.33 2.62
C HIS B 205 5.77 -20.99 4.10
N LYS B 206 5.91 -19.69 4.37
CA LYS B 206 6.21 -19.19 5.71
C LYS B 206 5.26 -19.59 6.84
N PRO B 207 3.93 -19.53 6.61
CA PRO B 207 3.04 -19.90 7.72
C PRO B 207 3.22 -21.33 8.21
N SER B 208 3.59 -22.24 7.31
CA SER B 208 3.72 -23.65 7.67
C SER B 208 5.16 -24.13 7.73
N ASN B 209 6.11 -23.21 7.57
CA ASN B 209 7.53 -23.55 7.56
C ASN B 209 7.87 -24.65 6.56
N THR B 210 7.35 -24.52 5.34
CA THR B 210 7.61 -25.50 4.30
C THR B 210 8.58 -24.96 3.27
N LYS B 211 9.69 -25.66 3.09
CA LYS B 211 10.70 -25.28 2.10
C LYS B 211 11.08 -26.49 1.25
N VAL B 212 10.76 -26.43 -0.04
CA VAL B 212 11.03 -27.54 -0.93
C VAL B 212 11.69 -27.10 -2.23
N ASP B 213 12.78 -27.78 -2.59
CA ASP B 213 13.48 -27.54 -3.84
C ASP B 213 13.29 -28.73 -4.77
N LYS B 214 12.41 -28.57 -5.76
CA LYS B 214 12.00 -29.67 -6.63
C LYS B 214 12.69 -29.61 -7.99
N LYS B 215 13.51 -30.61 -8.29
CA LYS B 215 14.15 -30.68 -9.61
C LYS B 215 13.15 -31.15 -10.66
N VAL B 216 12.88 -30.29 -11.64
CA VAL B 216 11.94 -30.63 -12.71
C VAL B 216 12.65 -31.27 -13.89
N GLU B 217 12.38 -32.55 -14.10
CA GLU B 217 13.00 -33.29 -15.20
C GLU B 217 11.95 -33.68 -16.23
N PRO B 218 12.33 -33.63 -17.52
CA PRO B 218 11.46 -34.11 -18.61
C PRO B 218 11.08 -35.57 -18.41
N LYS B 219 9.77 -35.86 -18.44
CA LYS B 219 9.25 -37.20 -18.20
C LYS B 219 9.82 -38.22 -19.19
N SER B 220 10.06 -39.43 -18.71
CA SER B 220 10.61 -40.50 -19.54
C SER B 220 9.64 -41.67 -19.67
N GLY C 7 -26.19 30.02 28.76
CA GLY C 7 -25.53 29.59 27.54
C GLY C 7 -24.17 28.99 27.81
N PHE C 8 -23.62 28.30 26.81
CA PHE C 8 -22.33 27.64 26.94
C PHE C 8 -21.71 27.30 25.60
N ILE C 9 -20.38 27.28 25.58
CA ILE C 9 -19.61 26.78 24.43
C ILE C 9 -18.43 25.95 24.93
N ASN C 10 -18.50 24.63 24.71
CA ASN C 10 -17.42 23.73 25.08
C ASN C 10 -16.60 23.29 23.88
N ILE C 11 -15.30 23.54 23.93
CA ILE C 11 -14.42 23.26 22.79
C ILE C 11 -13.55 22.03 23.01
N PHE C 12 -13.64 21.09 22.08
CA PHE C 12 -12.83 19.87 22.11
C PHE C 12 -11.97 19.78 20.85
N PRO C 13 -10.66 20.02 21.00
CA PRO C 13 -9.73 19.91 19.88
C PRO C 13 -9.50 18.45 19.50
N MET C 14 -9.72 18.11 18.23
CA MET C 14 -9.53 16.75 17.76
C MET C 14 -8.06 16.42 17.53
N ILE C 15 -7.26 17.45 17.29
CA ILE C 15 -5.81 17.27 17.16
C ILE C 15 -5.06 18.07 18.21
N ASN C 16 -3.79 17.76 18.38
CA ASN C 16 -2.94 18.42 19.37
C ASN C 16 -2.87 19.92 19.14
N THR C 17 -3.06 20.68 20.22
CA THR C 17 -3.00 22.14 20.14
C THR C 17 -1.56 22.59 19.99
N THR C 18 -0.63 21.66 20.20
CA THR C 18 0.78 21.91 19.96
C THR C 18 1.18 21.13 18.71
N VAL C 19 0.98 21.75 17.55
CA VAL C 19 1.14 21.05 16.28
C VAL C 19 2.59 21.04 15.79
N PHE C 20 3.26 19.91 15.94
CA PHE C 20 4.60 19.74 15.43
C PHE C 20 4.52 19.12 14.04
N VAL C 21 4.50 19.95 13.01
CA VAL C 21 4.36 19.42 11.65
C VAL C 21 5.62 19.64 10.81
N ASN C 22 6.04 18.60 10.10
CA ASN C 22 7.29 18.64 9.35
C ASN C 22 7.22 19.54 8.13
N ASP C 23 8.39 19.98 7.68
CA ASP C 23 8.53 20.93 6.58
C ASP C 23 7.73 20.54 5.34
N GLY C 24 7.15 21.54 4.67
CA GLY C 24 6.43 21.35 3.42
C GLY C 24 5.38 20.26 3.40
N GLU C 25 4.67 20.08 4.51
CA GLU C 25 3.68 19.02 4.60
C GLU C 25 2.29 19.55 4.96
N ASN C 26 1.26 18.77 4.66
CA ASN C 26 -0.12 19.16 4.95
C ASN C 26 -0.54 18.78 6.37
N VAL C 27 -1.44 19.56 6.94
CA VAL C 27 -1.92 19.31 8.30
C VAL C 27 -3.29 19.97 8.51
N ASP C 28 -4.18 19.28 9.20
CA ASP C 28 -5.51 19.82 9.49
C ASP C 28 -5.67 20.18 10.97
N LEU C 29 -6.02 21.43 11.21
CA LEU C 29 -6.39 21.87 12.56
C LEU C 29 -7.89 21.70 12.73
N ILE C 30 -8.29 20.65 13.45
CA ILE C 30 -9.70 20.31 13.57
C ILE C 30 -10.22 20.56 14.98
N VAL C 31 -11.38 21.21 15.07
CA VAL C 31 -12.00 21.48 16.36
C VAL C 31 -13.47 21.08 16.36
N GLU C 32 -13.86 20.22 17.30
CA GLU C 32 -15.27 19.90 17.47
C GLU C 32 -15.78 20.52 18.76
N TYR C 33 -16.82 21.33 18.68
CA TYR C 33 -17.31 22.06 19.84
C TYR C 33 -18.83 22.01 19.96
N GLU C 34 -19.33 21.89 21.18
CA GLU C 34 -20.78 21.94 21.40
C GLU C 34 -21.18 23.30 21.95
N ALA C 35 -22.27 23.86 21.44
CA ALA C 35 -22.66 25.22 21.83
C ALA C 35 -24.16 25.44 21.86
N PHE C 36 -24.62 26.22 22.85
CA PHE C 36 -26.00 26.64 22.91
C PHE C 36 -26.14 27.98 23.62
N PRO C 37 -26.84 28.94 23.00
CA PRO C 37 -27.52 28.82 21.70
C PRO C 37 -26.56 28.81 20.51
N LYS C 38 -27.12 28.72 19.31
CA LYS C 38 -26.34 28.60 18.08
C LYS C 38 -25.29 29.69 17.92
N PRO C 39 -24.04 29.31 17.60
CA PRO C 39 -22.97 30.28 17.37
C PRO C 39 -23.18 31.04 16.07
N GLU C 40 -23.12 32.37 16.15
CA GLU C 40 -23.31 33.22 14.98
C GLU C 40 -22.06 33.99 14.65
N HIS C 41 -20.92 33.51 15.14
CA HIS C 41 -19.64 34.10 14.86
C HIS C 41 -18.55 33.06 15.04
N GLN C 42 -17.81 32.80 13.98
CA GLN C 42 -16.78 31.77 14.01
C GLN C 42 -15.74 32.02 12.93
N GLN C 43 -14.48 32.11 13.34
CA GLN C 43 -13.40 32.38 12.39
C GLN C 43 -12.05 31.87 12.87
N TRP C 44 -11.11 31.76 11.94
CA TRP C 44 -9.73 31.41 12.29
C TRP C 44 -8.83 32.63 12.17
N ILE C 45 -8.25 33.03 13.30
CA ILE C 45 -7.38 34.20 13.35
C ILE C 45 -5.92 33.80 13.30
N TYR C 46 -5.15 34.48 12.46
CA TYR C 46 -3.72 34.23 12.36
C TYR C 46 -2.97 35.53 12.14
N MET C 47 -2.07 35.83 13.07
CA MET C 47 -1.31 37.09 13.08
C MET C 47 -2.27 38.28 13.19
N ASN C 48 -3.20 38.16 14.13
CA ASN C 48 -4.16 39.21 14.46
C ASN C 48 -5.11 39.56 13.31
N ARG C 49 -5.12 38.73 12.28
CA ARG C 49 -5.99 38.93 11.13
C ARG C 49 -6.63 37.61 10.71
N THR C 50 -7.82 37.69 10.14
CA THR C 50 -8.54 36.51 9.68
C THR C 50 -7.69 35.70 8.71
N PHE C 51 -7.62 34.39 8.94
CA PHE C 51 -6.84 33.50 8.09
C PHE C 51 -7.17 33.67 6.61
N THR C 52 -6.12 33.80 5.81
CA THR C 52 -6.23 34.21 4.41
C THR C 52 -6.85 33.16 3.48
N ASP C 53 -6.53 31.89 3.70
CA ASP C 53 -7.11 30.82 2.90
C ASP C 53 -8.41 30.33 3.53
N LYS C 54 -8.89 29.17 3.09
CA LYS C 54 -10.23 28.74 3.48
C LYS C 54 -10.27 27.74 4.63
N TRP C 55 -11.39 27.75 5.36
CA TRP C 55 -11.63 26.75 6.39
C TRP C 55 -13.06 26.25 6.30
N GLU C 56 -13.24 24.94 6.44
CA GLU C 56 -14.57 24.35 6.43
C GLU C 56 -15.23 24.54 7.77
N ASP C 57 -16.56 24.56 7.75
CA ASP C 57 -17.31 24.84 8.94
C ASP C 57 -18.73 24.26 8.80
N TYR C 58 -19.10 23.35 9.69
CA TYR C 58 -20.37 22.66 9.54
C TYR C 58 -20.88 22.06 10.84
N PRO C 59 -22.21 21.94 10.97
CA PRO C 59 -22.80 21.25 12.13
C PRO C 59 -22.63 19.73 12.02
N LYS C 60 -22.51 19.07 13.16
CA LYS C 60 -22.34 17.63 13.22
C LYS C 60 -23.59 16.91 12.72
N SER C 61 -24.73 17.60 12.82
CA SER C 61 -26.02 17.07 12.41
C SER C 61 -26.96 18.22 12.07
N GLU C 62 -27.60 18.16 10.91
CA GLU C 62 -28.40 19.29 10.43
C GLU C 62 -29.81 19.35 11.04
N ASN C 63 -29.95 18.79 12.24
CA ASN C 63 -31.26 18.76 12.91
C ASN C 63 -31.53 20.03 13.72
N GLU C 64 -32.43 19.91 14.69
CA GLU C 64 -32.76 21.03 15.58
C GLU C 64 -32.30 20.72 16.99
N SER C 65 -32.27 19.43 17.33
CA SER C 65 -31.78 18.99 18.63
C SER C 65 -30.26 18.86 18.62
N ASN C 66 -29.63 19.40 17.58
CA ASN C 66 -28.19 19.34 17.46
C ASN C 66 -27.49 20.57 18.03
N ILE C 67 -26.48 20.34 18.86
CA ILE C 67 -25.69 21.43 19.42
C ILE C 67 -24.21 21.21 19.15
N ARG C 68 -23.90 20.14 18.42
CA ARG C 68 -22.52 19.82 18.09
C ARG C 68 -22.11 20.40 16.74
N TYR C 69 -20.89 20.94 16.69
CA TYR C 69 -20.37 21.58 15.48
C TYR C 69 -18.90 21.21 15.27
N VAL C 70 -18.44 21.36 14.04
CA VAL C 70 -17.07 21.06 13.66
C VAL C 70 -16.51 22.13 12.74
N SER C 71 -15.29 22.56 13.02
CA SER C 71 -14.57 23.49 12.15
C SER C 71 -13.21 22.91 11.79
N GLU C 72 -12.90 22.93 10.50
CA GLU C 72 -11.63 22.39 10.01
C GLU C 72 -10.81 23.45 9.29
N LEU C 73 -9.54 23.55 9.66
CA LEU C 73 -8.62 24.44 8.96
C LEU C 73 -7.53 23.66 8.24
N HIS C 74 -7.48 23.78 6.91
CA HIS C 74 -6.50 23.04 6.12
C HIS C 74 -5.23 23.83 5.85
N LEU C 75 -4.19 23.54 6.62
CA LEU C 75 -2.88 24.12 6.36
C LEU C 75 -2.13 23.21 5.39
N THR C 76 -1.49 23.82 4.39
CA THR C 76 -0.74 23.06 3.41
C THR C 76 0.71 23.55 3.28
N ARG C 77 1.64 22.61 3.38
CA ARG C 77 3.05 22.81 3.06
C ARG C 77 3.71 23.88 3.89
N LEU C 78 3.67 23.69 5.19
CA LEU C 78 4.15 24.68 6.12
C LEU C 78 5.63 24.98 5.95
N LYS C 79 5.92 26.26 5.70
CA LYS C 79 7.28 26.74 5.65
C LYS C 79 7.52 27.44 6.97
N GLY C 80 8.79 27.67 7.31
CA GLY C 80 9.13 28.37 8.53
C GLY C 80 8.45 29.72 8.64
N THR C 81 8.07 30.27 7.49
CA THR C 81 7.31 31.50 7.42
C THR C 81 5.92 31.31 8.03
N GLU C 82 5.12 30.46 7.41
CA GLU C 82 3.71 30.29 7.79
C GLU C 82 3.50 29.37 8.99
N GLY C 83 4.24 29.63 10.07
CA GLY C 83 4.02 28.93 11.32
C GLY C 83 3.61 29.93 12.39
N GLY C 84 3.14 29.42 13.53
CA GLY C 84 2.75 30.30 14.62
C GLY C 84 1.45 29.90 15.28
N THR C 85 0.77 30.89 15.86
CA THR C 85 -0.47 30.65 16.58
C THR C 85 -1.68 30.80 15.67
N TYR C 86 -2.47 29.73 15.55
CA TYR C 86 -3.73 29.79 14.81
C TYR C 86 -4.88 29.70 15.81
N THR C 87 -5.53 30.83 16.06
CA THR C 87 -6.56 30.89 17.10
C THR C 87 -7.98 30.83 16.53
N PHE C 88 -8.66 29.72 16.81
CA PHE C 88 -10.05 29.54 16.43
C PHE C 88 -10.99 30.24 17.42
N LEU C 89 -11.83 31.12 16.89
CA LEU C 89 -12.78 31.89 17.69
C LEU C 89 -14.21 31.49 17.37
N VAL C 90 -14.98 31.19 18.43
CA VAL C 90 -16.41 30.95 18.31
C VAL C 90 -17.11 31.85 19.31
N SER C 91 -18.34 32.26 19.01
CA SER C 91 -19.12 33.02 19.97
C SER C 91 -20.61 33.01 19.66
N ASN C 92 -21.42 32.94 20.71
CA ASN C 92 -22.86 33.10 20.57
C ASN C 92 -23.33 34.35 21.31
N SER C 93 -24.62 34.41 21.61
CA SER C 93 -25.19 35.57 22.30
C SER C 93 -24.83 35.59 23.78
N ASP C 94 -24.46 34.44 24.33
CA ASP C 94 -24.20 34.31 25.76
C ASP C 94 -22.71 34.25 26.12
N VAL C 95 -21.91 33.67 25.24
CA VAL C 95 -20.50 33.42 25.56
C VAL C 95 -19.54 33.57 24.38
N ASN C 96 -18.40 34.21 24.64
CA ASN C 96 -17.28 34.20 23.71
C ASN C 96 -16.31 33.09 24.09
N ALA C 97 -15.81 32.36 23.11
CA ALA C 97 -14.92 31.24 23.35
C ALA C 97 -13.82 31.16 22.29
N ALA C 98 -12.66 30.62 22.70
CA ALA C 98 -11.50 30.57 21.81
C ALA C 98 -10.57 29.42 22.16
N ILE C 99 -9.83 28.94 21.15
CA ILE C 99 -8.80 27.95 21.37
C ILE C 99 -7.61 28.21 20.45
N ALA C 100 -6.39 28.06 20.96
CA ALA C 100 -5.21 28.40 20.17
C ALA C 100 -4.40 27.16 19.77
N PHE C 101 -3.99 27.14 18.51
CA PHE C 101 -3.13 26.08 18.00
C PHE C 101 -1.74 26.62 17.70
N ASN C 102 -0.81 26.42 18.62
CA ASN C 102 0.57 26.79 18.39
C ASN C 102 1.21 25.81 17.41
N VAL C 103 1.48 26.30 16.21
CA VAL C 103 2.01 25.46 15.15
C VAL C 103 3.49 25.71 14.92
N TYR C 104 4.28 24.63 14.98
CA TYR C 104 5.69 24.71 14.66
C TYR C 104 5.99 23.84 13.45
N VAL C 105 6.59 24.44 12.44
CA VAL C 105 7.23 23.67 11.39
C VAL C 105 8.46 23.06 12.05
N ASN C 106 8.39 21.77 12.35
CA ASN C 106 9.55 21.05 12.83
C ASN C 106 10.63 21.10 11.77
N THR C 107 11.75 21.72 12.11
CA THR C 107 12.88 21.79 11.21
C THR C 107 14.13 21.42 11.99
N LYS C 108 14.89 20.48 11.44
CA LYS C 108 16.18 20.11 12.00
C LYS C 108 17.05 21.35 12.12
N PRO C 109 17.93 21.37 13.13
CA PRO C 109 18.79 22.54 13.32
C PRO C 109 19.63 22.82 12.08
N GLU C 110 19.68 24.07 11.67
CA GLU C 110 20.64 24.48 10.67
C GLU C 110 21.77 25.15 11.39
N ILE C 111 23.00 24.81 11.03
CA ILE C 111 24.15 25.43 11.66
C ILE C 111 24.42 26.78 11.01
N LEU C 112 23.89 27.83 11.62
CA LEU C 112 24.01 29.18 11.10
C LEU C 112 25.47 29.59 10.97
N THR C 113 26.23 29.48 12.05
CA THR C 113 27.66 29.76 11.98
C THR C 113 28.49 28.68 12.66
N TYR C 114 29.71 28.50 12.18
CA TYR C 114 30.66 27.60 12.80
C TYR C 114 32.04 28.13 12.47
N ASP C 115 32.53 29.03 13.30
CA ASP C 115 33.79 29.69 12.98
C ASP C 115 34.65 29.89 14.22
N ARG C 116 35.86 30.37 14.02
CA ARG C 116 36.79 30.56 15.12
C ARG C 116 36.75 31.99 15.61
N LEU C 117 36.69 32.17 16.93
CA LEU C 117 36.62 33.50 17.51
C LEU C 117 38.00 34.13 17.66
N VAL C 118 38.01 35.44 17.89
CA VAL C 118 39.25 36.20 18.03
C VAL C 118 40.07 35.71 19.22
N ASN C 119 39.37 35.27 20.26
CA ASN C 119 40.02 34.71 21.45
C ASN C 119 40.65 33.34 21.20
N GLY C 120 40.28 32.73 20.07
CA GLY C 120 40.80 31.42 19.73
C GLY C 120 39.76 30.31 19.80
N MET C 121 38.66 30.56 20.52
CA MET C 121 37.65 29.53 20.72
C MET C 121 36.83 29.24 19.45
N LEU C 122 36.58 27.95 19.21
CA LEU C 122 35.64 27.55 18.16
C LEU C 122 34.23 27.76 18.65
N GLN C 123 33.38 28.32 17.78
CA GLN C 123 31.99 28.54 18.15
C GLN C 123 31.04 28.02 17.07
N CYS C 124 29.98 27.36 17.52
CA CYS C 124 28.94 26.85 16.65
C CYS C 124 27.58 27.39 17.09
N VAL C 125 26.96 28.17 16.22
CA VAL C 125 25.62 28.69 16.44
C VAL C 125 24.65 28.01 15.48
N ALA C 126 23.71 27.26 16.04
CA ALA C 126 22.74 26.51 15.25
C ALA C 126 21.31 26.83 15.67
N ALA C 127 20.39 26.83 14.70
CA ALA C 127 18.99 27.17 14.97
C ALA C 127 18.03 26.13 14.41
N GLY C 128 16.99 25.82 15.19
CA GLY C 128 15.98 24.86 14.76
C GLY C 128 14.80 24.78 15.72
N PHE C 129 13.90 23.84 15.46
CA PHE C 129 12.83 23.55 16.41
C PHE C 129 12.47 22.05 16.44
N PRO C 130 12.36 21.46 17.64
CA PRO C 130 12.56 22.10 18.95
C PRO C 130 14.02 22.48 19.22
N GLU C 131 14.26 23.14 20.35
CA GLU C 131 15.58 23.67 20.69
C GLU C 131 16.70 22.64 20.50
N PRO C 132 17.59 22.91 19.54
CA PRO C 132 18.68 22.00 19.18
C PRO C 132 19.74 21.90 20.26
N THR C 133 20.23 20.68 20.49
CA THR C 133 21.36 20.47 21.38
C THR C 133 22.60 20.29 20.52
N ILE C 134 23.72 20.85 20.97
CA ILE C 134 24.97 20.78 20.21
C ILE C 134 25.98 19.87 20.89
N ASP C 135 26.31 18.77 20.22
CA ASP C 135 27.37 17.88 20.67
C ASP C 135 28.64 18.14 19.90
N TRP C 136 29.75 18.29 20.62
CA TRP C 136 31.04 18.49 20.00
C TRP C 136 31.79 17.18 19.87
N TYR C 137 32.29 16.91 18.68
CA TYR C 137 33.06 15.70 18.43
C TYR C 137 34.39 16.01 17.76
N PHE C 138 35.17 14.96 17.54
CA PHE C 138 36.50 15.11 16.98
C PHE C 138 36.88 13.87 16.18
N CYS C 139 37.68 14.07 15.12
CA CYS C 139 38.08 12.99 14.26
C CYS C 139 39.58 12.70 14.33
N PRO C 140 39.96 11.70 15.14
CA PRO C 140 41.32 11.15 15.15
C PRO C 140 41.48 10.04 14.09
N GLN C 144 36.60 10.44 7.27
CA GLN C 144 36.80 9.87 8.59
C GLN C 144 35.53 10.04 9.43
N ARG C 145 35.33 9.14 10.39
CA ARG C 145 34.19 9.22 11.29
C ARG C 145 34.63 9.67 12.67
N CYS C 146 33.87 10.58 13.27
CA CYS C 146 34.26 11.22 14.52
C CYS C 146 33.52 10.68 15.74
N SER C 147 34.26 10.24 16.74
CA SER C 147 33.67 9.68 17.95
C SER C 147 34.23 10.29 19.22
N ALA C 148 35.37 10.96 19.12
CA ALA C 148 36.01 11.58 20.27
C ALA C 148 35.19 12.76 20.78
N SER C 149 34.47 12.56 21.88
CA SER C 149 33.60 13.59 22.43
C SER C 149 34.37 14.69 23.16
N VAL C 150 34.01 15.95 22.88
CA VAL C 150 34.69 17.08 23.47
C VAL C 150 33.75 17.88 24.37
N LEU C 151 34.26 18.32 25.52
CA LEU C 151 33.47 19.06 26.49
C LEU C 151 33.38 20.55 26.16
N PRO C 152 32.16 21.06 25.96
CA PRO C 152 31.91 22.48 25.66
C PRO C 152 32.10 23.37 26.88
N VAL C 153 32.84 24.47 26.71
CA VAL C 153 33.15 25.37 27.81
C VAL C 153 32.06 26.42 28.02
N ASP C 154 31.15 26.54 27.06
CA ASP C 154 30.05 27.50 27.16
C ASP C 154 28.91 27.17 26.22
N VAL C 155 27.71 27.09 26.76
CA VAL C 155 26.51 26.82 25.97
C VAL C 155 25.39 27.77 26.40
N GLN C 156 24.76 28.45 25.45
CA GLN C 156 23.62 29.30 25.81
C GLN C 156 22.60 29.49 24.69
N THR C 157 21.40 29.91 25.08
CA THR C 157 20.31 30.12 24.14
C THR C 157 20.15 31.61 23.84
N LEU C 158 20.25 31.97 22.56
CA LEU C 158 20.15 33.36 22.16
C LEU C 158 18.71 33.74 21.83
N ASN C 159 18.38 35.01 22.03
CA ASN C 159 17.08 35.55 21.67
C ASN C 159 17.00 35.80 20.17
N SER C 160 16.18 35.02 19.47
CA SER C 160 16.09 35.11 18.02
C SER C 160 15.43 36.41 17.56
N SER C 161 15.38 36.59 16.24
CA SER C 161 14.79 37.80 15.65
C SER C 161 13.30 37.88 15.92
N PHE C 165 14.77 31.94 11.46
CA PHE C 165 13.52 32.58 11.05
C PHE C 165 12.31 31.76 11.47
N GLY C 166 11.95 31.85 12.75
CA GLY C 166 10.79 31.16 13.28
C GLY C 166 11.14 29.91 14.06
N LYS C 167 12.22 29.98 14.83
CA LYS C 167 12.66 28.84 15.64
C LYS C 167 13.48 29.26 16.86
N LEU C 168 14.35 28.38 17.33
CA LEU C 168 15.19 28.66 18.50
C LEU C 168 16.67 28.53 18.17
N VAL C 169 17.47 29.46 18.67
CA VAL C 169 18.89 29.50 18.33
C VAL C 169 19.79 29.28 19.56
N VAL C 170 20.70 28.31 19.44
CA VAL C 170 21.62 27.97 20.51
C VAL C 170 23.05 28.11 20.02
N GLN C 171 23.95 28.55 20.90
CA GLN C 171 25.37 28.62 20.56
C GLN C 171 26.23 27.90 21.59
N SER C 172 27.25 27.21 21.10
CA SER C 172 28.14 26.42 21.94
C SER C 172 29.59 26.68 21.55
N SER C 173 30.50 26.59 22.52
CA SER C 173 31.90 26.89 22.26
C SER C 173 32.82 25.90 22.98
N ILE C 174 34.00 25.65 22.41
CA ILE C 174 34.99 24.78 23.03
C ILE C 174 36.37 25.43 23.00
N ASP C 175 37.29 24.84 23.78
CA ASP C 175 38.67 25.32 23.84
C ASP C 175 39.47 24.75 22.69
N SER C 176 39.95 25.62 21.81
CA SER C 176 40.61 25.18 20.57
C SER C 176 42.12 25.01 20.69
N SER C 177 42.69 25.49 21.78
CA SER C 177 44.11 25.30 22.02
C SER C 177 44.42 23.84 22.34
N ALA C 178 43.44 23.18 22.96
CA ALA C 178 43.58 21.79 23.38
C ALA C 178 43.92 20.85 22.23
N PHE C 179 43.56 21.25 21.01
CA PHE C 179 43.77 20.41 19.84
C PHE C 179 45.22 20.45 19.34
N LYS C 180 45.84 19.28 19.28
CA LYS C 180 47.16 19.13 18.69
C LYS C 180 46.98 18.78 17.21
N HIS C 181 45.74 18.78 16.79
CA HIS C 181 45.34 18.47 15.42
C HIS C 181 45.73 19.63 14.48
N ASN C 182 46.13 19.36 13.22
CA ASN C 182 46.22 18.05 12.56
C ASN C 182 44.94 17.22 12.48
N GLY C 183 43.82 17.89 12.24
CA GLY C 183 42.53 17.21 12.22
C GLY C 183 41.33 18.12 12.19
N THR C 184 40.15 17.51 12.36
CA THR C 184 38.88 18.19 12.17
C THR C 184 38.00 18.09 13.41
N VAL C 185 37.32 19.18 13.75
CA VAL C 185 36.37 19.19 14.86
C VAL C 185 34.95 19.21 14.33
N GLU C 186 34.11 18.30 14.83
CA GLU C 186 32.74 18.22 14.36
C GLU C 186 31.77 18.93 15.29
N CYS C 187 30.93 19.79 14.72
CA CYS C 187 29.83 20.38 15.45
C CYS C 187 28.54 19.70 15.01
N LYS C 188 27.94 18.92 15.89
CA LYS C 188 26.72 18.20 15.56
C LYS C 188 25.53 18.72 16.34
N ALA C 189 24.67 19.49 15.67
CA ALA C 189 23.45 19.98 16.29
C ALA C 189 22.30 19.05 15.95
N TYR C 190 21.44 18.77 16.92
CA TYR C 190 20.31 17.88 16.67
C TYR C 190 19.09 18.13 17.54
N ASN C 191 17.97 17.59 17.09
CA ASN C 191 16.74 17.55 17.88
C ASN C 191 15.90 16.36 17.43
N ASP C 192 14.66 16.29 17.91
CA ASP C 192 13.76 15.19 17.56
C ASP C 192 13.63 14.96 16.05
N VAL C 193 13.78 16.02 15.27
CA VAL C 193 13.54 15.98 13.84
C VAL C 193 14.70 15.36 13.06
N GLY C 194 15.83 16.06 13.06
CA GLY C 194 17.00 15.61 12.33
C GLY C 194 18.29 16.00 13.00
N LYS C 195 19.38 16.01 12.23
CA LYS C 195 20.69 16.36 12.77
C LYS C 195 21.62 16.90 11.69
N THR C 196 22.26 18.02 11.99
CA THR C 196 23.21 18.64 11.07
C THR C 196 24.61 18.56 11.66
N SER C 197 25.59 18.26 10.81
CA SER C 197 26.97 18.16 11.25
C SER C 197 27.90 19.00 10.38
N ALA C 198 28.44 20.07 10.96
CA ALA C 198 29.43 20.87 10.25
C ALA C 198 30.82 20.51 10.76
N TYR C 199 31.84 20.85 10.00
CA TYR C 199 33.20 20.47 10.35
C TYR C 199 34.17 21.63 10.21
N PHE C 200 35.06 21.79 11.18
CA PHE C 200 36.08 22.84 11.12
C PHE C 200 37.47 22.22 11.11
N ASN C 201 38.28 22.60 10.13
CA ASN C 201 39.63 22.07 10.01
C ASN C 201 40.69 23.17 10.16
N PHE C 202 41.56 23.02 11.15
CA PHE C 202 42.53 24.04 11.50
C PHE C 202 43.64 24.19 10.47
N ALA C 203 43.85 23.15 9.65
CA ALA C 203 44.89 23.19 8.62
C ALA C 203 44.50 24.07 7.44
N PHE C 204 43.23 24.45 7.38
CA PHE C 204 42.73 25.27 6.29
C PHE C 204 42.11 26.57 6.79
N LYS C 205 42.73 27.17 7.80
CA LYS C 205 42.24 28.43 8.36
C LYS C 205 43.38 29.41 8.58
C1 NAG D . 0.94 17.22 21.94
C2 NAG D . 1.17 15.86 22.60
C3 NAG D . 2.37 15.92 23.52
C4 NAG D . 3.59 16.42 22.75
C5 NAG D . 3.27 17.75 22.07
C6 NAG D . 4.40 18.25 21.20
C7 NAG D . -0.54 14.22 23.22
C8 NAG D . -1.75 13.94 24.06
N2 NAG D . -0.01 15.43 23.34
O3 NAG D . 2.63 14.63 24.06
O4 NAG D . 4.70 16.59 23.64
O5 NAG D . 2.13 17.60 21.23
O6 NAG D . 4.71 17.31 20.17
O7 NAG D . -0.06 13.37 22.47
#